data_6LRE
#
_entry.id   6LRE
#
_cell.length_a   213.607
_cell.length_b   47.536
_cell.length_c   87.758
_cell.angle_alpha   90.000
_cell.angle_beta   113.720
_cell.angle_gamma   90.000
#
_symmetry.space_group_name_H-M   'C 1 2 1'
#
loop_
_entity.id
_entity.type
_entity.pdbx_description
1 polymer 'Cyclic GMP-AMP synthase'
2 non-polymer 'ZINC ION'
3 non-polymer '1,3-bis(oxidanylidene)benzo[de]isoquinoline-6,7-dicarboxylic acid'
4 water water
#
_entity_poly.entity_id   1
_entity_poly.type   'polypeptide(L)'
_entity_poly.pdbx_seq_one_letter_code
;DAAPGASKLRAVLEKLKLSRDDISTAAGMVKGVVDHLLLRLKCDSAFRGVGLLNTGSYYEHVKISAPNEFDVMFKLEVPR
IQLEEYSNTRAYYFVKFKRNPKENPLSQFLEGEILSASKMLSKFRKIIKEEINDIKDTDVIMKRKRGGSPAVTLLISEKI
SVDITLALESKSSWPASTQEGLRIQNWLSAKVRKQLRLKPFYLVPKHAKEGNGFQEETWRLSFSHIEKEILNNHGKSKTC
CENKEEKCCRKDCLKLMKYLLEQLKERFKDKKHLDKFSSYHVKTAFFHVCTQNPQDSQWDRKDLGLCFDNCVTYFLQCLR
TEKLENYFIPEFNLFSSNLIDKRSKEFLTKQIEYERNNEFPVFDEF
;
_entity_poly.pdbx_strand_id   A,B
#
loop_
_chem_comp.id
_chem_comp.type
_chem_comp.name
_chem_comp.formula
EQL non-polymer '1,3-bis(oxidanylidene)benzo[de]isoquinoline-6,7-dicarboxylic acid' 'C14 H7 N O6'
ZN non-polymer 'ZINC ION' 'Zn 2'
#
# COMPACT_ATOMS: atom_id res chain seq x y z
N GLY A 5 -14.88 37.65 -0.71
CA GLY A 5 -15.70 36.46 -0.92
C GLY A 5 -14.89 35.21 -1.21
N ALA A 6 -15.46 34.33 -2.04
CA ALA A 6 -14.76 33.11 -2.43
C ALA A 6 -13.59 33.43 -3.34
N SER A 7 -13.69 34.52 -4.12
CA SER A 7 -12.57 34.94 -4.96
C SER A 7 -11.37 35.39 -4.12
N LYS A 8 -11.63 35.84 -2.90
CA LYS A 8 -10.53 36.27 -2.03
C LYS A 8 -9.69 35.07 -1.57
N LEU A 9 -10.30 33.91 -1.36
CA LEU A 9 -9.55 32.74 -0.95
C LEU A 9 -8.73 32.16 -2.10
N ARG A 10 -9.32 32.12 -3.30
CA ARG A 10 -8.55 31.68 -4.46
C ARG A 10 -7.38 32.61 -4.73
N ALA A 11 -7.55 33.90 -4.48
CA ALA A 11 -6.45 34.85 -4.64
C ALA A 11 -5.35 34.56 -3.61
N VAL A 12 -5.73 34.19 -2.40
CA VAL A 12 -4.73 33.91 -1.37
C VAL A 12 -3.93 32.67 -1.72
N LEU A 13 -4.63 31.57 -2.05
CA LEU A 13 -3.96 30.36 -2.48
C LEU A 13 -3.08 30.62 -3.71
N GLU A 14 -3.52 31.51 -4.60
CA GLU A 14 -2.72 31.86 -5.77
C GLU A 14 -1.41 32.53 -5.34
N LYS A 15 -1.49 33.50 -4.43
CA LYS A 15 -0.28 34.13 -3.92
C LYS A 15 0.58 33.15 -3.13
N LEU A 16 -0.04 32.14 -2.49
CA LEU A 16 0.73 31.16 -1.74
C LEU A 16 1.59 30.27 -2.63
N LYS A 17 1.20 30.09 -3.90
CA LYS A 17 1.98 29.21 -4.76
C LYS A 17 3.10 29.97 -5.47
N LEU A 18 2.88 31.24 -5.83
CA LEU A 18 4.00 32.09 -6.24
C LEU A 18 5.00 32.24 -5.11
N SER A 19 4.53 32.20 -3.86
CA SER A 19 5.39 32.24 -2.68
C SER A 19 6.29 31.01 -2.55
N ARG A 20 5.99 29.93 -3.28
CA ARG A 20 6.78 28.71 -3.21
C ARG A 20 7.31 28.27 -4.57
N ASP A 21 7.15 29.09 -5.61
CA ASP A 21 7.64 28.72 -6.94
C ASP A 21 9.16 28.60 -6.96
N ASP A 22 9.85 29.47 -6.22
CA ASP A 22 11.30 29.41 -6.12
C ASP A 22 11.74 29.15 -4.68
N VAL A 30 16.42 25.33 -1.14
CA VAL A 30 16.19 24.03 -0.49
C VAL A 30 17.53 23.25 -0.51
N LYS A 31 17.81 22.50 0.56
CA LYS A 31 19.20 22.15 0.86
C LYS A 31 19.40 20.69 1.21
N GLY A 32 20.18 19.99 0.41
CA GLY A 32 20.76 18.75 0.85
C GLY A 32 21.92 18.99 1.79
N VAL A 33 21.69 19.69 2.89
CA VAL A 33 22.62 19.75 4.00
C VAL A 33 22.39 18.55 4.89
N VAL A 34 21.11 18.24 5.11
CA VAL A 34 20.69 17.16 6.01
C VAL A 34 21.28 15.85 5.55
N ASP A 35 21.47 15.68 4.25
CA ASP A 35 22.05 14.45 3.73
C ASP A 35 23.49 14.29 4.18
N HIS A 36 24.18 15.41 4.41
CA HIS A 36 25.53 15.36 4.96
C HIS A 36 25.51 15.13 6.46
N LEU A 37 24.45 15.58 7.13
CA LEU A 37 24.34 15.37 8.56
C LEU A 37 24.19 13.89 8.89
N LEU A 38 23.28 13.21 8.18
CA LEU A 38 23.11 11.77 8.37
C LEU A 38 24.30 10.98 7.89
N LEU A 39 25.16 11.59 7.06
CA LEU A 39 26.43 10.95 6.72
C LEU A 39 27.33 10.85 7.94
N ARG A 40 27.56 11.96 8.63
CA ARG A 40 28.41 11.99 9.80
C ARG A 40 27.70 11.48 11.05
N LEU A 41 26.37 11.55 11.09
CA LEU A 41 25.64 11.06 12.27
C LEU A 41 25.51 9.55 12.27
N LYS A 42 25.39 8.92 11.10
CA LYS A 42 25.26 7.47 11.06
C LYS A 42 26.55 6.75 11.45
N CYS A 43 27.67 7.47 11.54
CA CYS A 43 28.93 6.86 11.93
C CYS A 43 29.09 6.74 13.44
N ASP A 44 28.20 7.35 14.23
CA ASP A 44 28.21 7.17 15.67
C ASP A 44 27.46 5.89 16.03
N SER A 45 27.91 5.25 17.11
CA SER A 45 27.33 3.97 17.51
C SER A 45 25.85 4.10 17.86
N ALA A 46 25.50 5.12 18.66
CA ALA A 46 24.13 5.26 19.13
C ALA A 46 23.18 5.79 18.05
N PHE A 47 23.70 6.22 16.91
CA PHE A 47 22.89 6.84 15.87
C PHE A 47 23.05 6.15 14.53
N ARG A 48 23.35 4.84 14.53
CA ARG A 48 23.60 4.15 13.27
C ARG A 48 22.32 3.89 12.48
N GLY A 49 21.17 3.84 13.14
CA GLY A 49 19.91 3.63 12.43
C GLY A 49 19.16 4.92 12.18
N VAL A 50 19.87 5.94 11.70
CA VAL A 50 19.32 7.26 11.53
C VAL A 50 18.95 7.46 10.06
N GLY A 51 18.00 8.36 9.82
CA GLY A 51 17.56 8.64 8.47
C GLY A 51 16.36 9.57 8.45
N LEU A 52 16.01 9.99 7.25
CA LEU A 52 14.85 10.84 7.05
C LEU A 52 13.56 10.07 7.31
N LEU A 53 12.48 10.82 7.53
CA LEU A 53 11.14 10.25 7.66
C LEU A 53 10.26 10.51 6.45
N ASN A 54 10.39 11.68 5.83
CA ASN A 54 9.59 12.02 4.66
C ASN A 54 10.44 12.01 3.39
N GLU A 60 9.04 19.73 4.36
CA GLU A 60 7.79 20.18 4.97
C GLU A 60 7.96 21.55 5.65
N HIS A 61 6.87 22.33 5.67
CA HIS A 61 6.86 23.63 6.32
C HIS A 61 5.58 23.76 7.14
N VAL A 62 5.73 24.00 8.44
CA VAL A 62 4.55 24.29 9.27
C VAL A 62 4.02 25.69 8.96
N LYS A 63 4.92 26.65 8.79
CA LYS A 63 4.54 28.03 8.49
C LYS A 63 4.35 28.16 6.99
N ILE A 64 3.10 28.02 6.54
CA ILE A 64 2.79 28.15 5.13
C ILE A 64 3.02 29.56 4.61
N SER A 65 3.02 30.56 5.49
CA SER A 65 3.27 31.93 5.06
C SER A 65 4.72 32.13 4.65
N ALA A 66 5.66 31.78 5.54
CA ALA A 66 7.07 31.97 5.27
C ALA A 66 7.70 30.63 4.90
N PRO A 67 7.98 30.36 3.62
CA PRO A 67 8.58 29.08 3.25
C PRO A 67 10.10 29.08 3.38
N ASN A 68 10.63 30.01 4.18
CA ASN A 68 12.04 30.03 4.52
C ASN A 68 12.35 29.23 5.77
N GLU A 69 11.45 28.34 6.17
CA GLU A 69 11.63 27.52 7.38
C GLU A 69 11.16 26.11 7.09
N PHE A 70 12.06 25.15 7.23
CA PHE A 70 11.76 23.75 6.96
C PHE A 70 11.67 22.98 8.28
N ASP A 71 11.20 21.74 8.17
CA ASP A 71 10.98 20.88 9.34
C ASP A 71 11.23 19.45 8.92
N VAL A 72 12.17 18.78 9.59
CA VAL A 72 12.54 17.40 9.27
C VAL A 72 12.41 16.54 10.51
N MET A 73 12.11 15.26 10.29
CA MET A 73 12.09 14.25 11.34
C MET A 73 13.19 13.24 11.05
N PHE A 74 14.12 13.10 11.99
CA PHE A 74 15.21 12.13 11.86
C PHE A 74 14.80 10.86 12.58
N LYS A 75 14.38 9.86 11.81
CA LYS A 75 13.89 8.59 12.37
C LYS A 75 15.05 7.74 12.85
N LEU A 76 14.85 7.07 13.98
CA LEU A 76 15.85 6.16 14.55
C LEU A 76 15.12 4.97 15.16
N GLU A 77 15.34 3.78 14.61
CA GLU A 77 14.57 2.62 15.04
C GLU A 77 15.02 2.14 16.41
N VAL A 78 14.05 1.83 17.27
CA VAL A 78 14.28 1.30 18.58
C VAL A 78 13.62 -0.06 18.70
N PRO A 79 14.40 -1.15 18.51
CA PRO A 79 13.80 -2.49 18.35
C PRO A 79 12.94 -2.98 19.52
N ARG A 80 13.56 -3.37 20.62
CA ARG A 80 12.85 -4.12 21.68
C ARG A 80 12.41 -3.18 22.79
N ILE A 81 11.33 -2.45 22.50
CA ILE A 81 10.80 -1.43 23.41
C ILE A 81 9.47 -1.90 23.99
N GLN A 82 9.27 -1.60 25.28
CA GLN A 82 7.97 -1.73 25.93
C GLN A 82 7.57 -0.36 26.45
N LEU A 83 6.38 0.10 26.06
CA LEU A 83 5.91 1.43 26.38
C LEU A 83 5.05 1.40 27.64
N GLU A 84 5.35 2.28 28.58
CA GLU A 84 4.56 2.45 29.80
C GLU A 84 4.00 3.86 29.83
N GLU A 85 2.67 3.96 29.86
CA GLU A 85 2.00 5.25 29.85
C GLU A 85 2.32 6.04 31.11
N TYR A 86 2.49 7.35 30.95
CA TYR A 86 2.82 8.25 32.07
C TYR A 86 1.54 8.84 32.62
N SER A 87 1.06 8.29 33.74
CA SER A 87 -0.08 8.83 34.48
C SER A 87 -1.28 9.10 33.57
N ASN A 88 -1.48 8.20 32.61
CA ASN A 88 -2.62 8.24 31.68
C ASN A 88 -2.64 9.50 30.83
N THR A 89 -1.47 10.08 30.55
CA THR A 89 -1.35 11.02 29.44
C THR A 89 -1.25 10.18 28.17
N ARG A 90 -2.40 9.94 27.56
CA ARG A 90 -2.52 8.91 26.53
C ARG A 90 -1.61 9.14 25.32
N ALA A 91 -0.81 10.20 25.36
CA ALA A 91 0.13 10.52 24.29
C ALA A 91 1.58 10.41 24.71
N TYR A 92 1.89 10.62 25.99
CA TYR A 92 3.25 10.65 26.50
C TYR A 92 3.60 9.31 27.14
N TYR A 93 4.85 8.89 26.98
CA TYR A 93 5.26 7.56 27.43
C TYR A 93 6.71 7.59 27.86
N PHE A 94 7.05 6.69 28.79
CA PHE A 94 8.43 6.37 29.09
C PHE A 94 8.88 5.21 28.21
N VAL A 95 10.09 5.31 27.68
CA VAL A 95 10.66 4.28 26.82
C VAL A 95 11.64 3.46 27.62
N LYS A 96 11.31 2.18 27.82
CA LYS A 96 12.22 1.20 28.41
C LYS A 96 12.54 0.15 27.35
N PHE A 97 13.46 -0.75 27.69
CA PHE A 97 13.92 -1.78 26.77
C PHE A 97 13.61 -3.17 27.32
N LYS A 98 13.76 -4.17 26.45
CA LYS A 98 13.51 -5.55 26.83
C LYS A 98 14.72 -6.43 26.51
N GLU A 103 25.68 -4.17 23.88
CA GLU A 103 24.75 -4.67 22.90
C GLU A 103 23.75 -3.58 22.48
N ASN A 104 23.13 -2.95 23.46
CA ASN A 104 22.22 -1.83 23.19
C ASN A 104 23.05 -0.60 22.83
N PRO A 105 22.89 -0.05 21.62
CA PRO A 105 23.70 1.12 21.26
C PRO A 105 23.38 2.35 22.08
N LEU A 106 22.12 2.50 22.53
CA LEU A 106 21.72 3.61 23.38
C LEU A 106 21.87 3.27 24.86
N SER A 107 22.75 2.33 25.21
CA SER A 107 23.02 2.05 26.61
C SER A 107 23.62 3.26 27.32
N GLN A 108 24.22 4.17 26.56
CA GLN A 108 24.79 5.41 27.10
C GLN A 108 23.73 6.32 27.70
N PHE A 109 22.46 6.15 27.32
CA PHE A 109 21.42 7.12 27.61
C PHE A 109 20.42 6.67 28.68
N LEU A 110 20.53 5.46 29.20
CA LEU A 110 19.58 5.02 30.21
C LEU A 110 19.73 5.82 31.49
N GLU A 111 18.59 6.14 32.11
CA GLU A 111 18.54 6.65 33.47
C GLU A 111 17.83 5.62 34.34
N GLY A 112 18.49 4.46 34.51
CA GLY A 112 17.87 3.33 35.18
C GLY A 112 17.37 2.32 34.17
N GLU A 113 16.08 2.01 34.22
CA GLU A 113 15.46 1.16 33.20
C GLU A 113 14.81 1.95 32.08
N ILE A 114 14.56 3.25 32.30
CA ILE A 114 13.94 4.09 31.29
C ILE A 114 15.02 4.75 30.46
N LEU A 115 14.62 5.28 29.30
CA LEU A 115 15.54 5.91 28.36
C LEU A 115 15.41 7.43 28.47
N SER A 116 16.53 8.11 28.69
CA SER A 116 16.53 9.54 28.94
C SER A 116 16.54 10.30 27.63
N ALA A 117 15.52 11.14 27.41
CA ALA A 117 15.55 12.09 26.30
C ALA A 117 16.55 13.21 26.57
N SER A 118 16.88 13.47 27.83
CA SER A 118 17.82 14.54 28.15
C SER A 118 19.21 14.24 27.61
N LYS A 119 19.73 13.04 27.91
CA LYS A 119 21.07 12.69 27.46
C LYS A 119 21.10 12.33 25.99
N MET A 120 20.01 11.78 25.44
CA MET A 120 19.99 11.53 24.00
C MET A 120 19.99 12.84 23.22
N LEU A 121 19.15 13.78 23.63
CA LEU A 121 19.16 15.10 22.99
C LEU A 121 20.52 15.77 23.15
N SER A 122 21.13 15.66 24.33
CA SER A 122 22.43 16.28 24.57
C SER A 122 23.49 15.73 23.62
N LYS A 123 23.56 14.40 23.50
CA LYS A 123 24.51 13.81 22.55
C LYS A 123 24.10 14.12 21.11
N PHE A 124 22.79 14.07 20.83
CA PHE A 124 22.30 14.49 19.51
C PHE A 124 22.60 15.97 19.26
N ARG A 125 22.47 16.79 20.31
CA ARG A 125 22.85 18.20 20.21
C ARG A 125 24.36 18.41 20.32
N LYS A 126 25.13 17.36 20.53
CA LYS A 126 26.58 17.48 20.56
C LYS A 126 27.20 17.27 19.18
N ILE A 127 26.72 16.29 18.43
CA ILE A 127 27.26 16.01 17.11
C ILE A 127 26.69 16.94 16.04
N ILE A 128 25.53 17.57 16.29
CA ILE A 128 25.04 18.59 15.37
C ILE A 128 26.02 19.76 15.31
N LYS A 129 26.62 20.10 16.45
CA LYS A 129 27.63 21.16 16.46
C LYS A 129 29.00 20.62 16.08
N GLU A 130 29.32 19.40 16.48
CA GLU A 130 30.64 18.84 16.20
C GLU A 130 30.86 18.69 14.70
N GLU A 131 29.97 17.95 14.02
CA GLU A 131 30.08 17.71 12.59
C GLU A 131 29.40 18.80 11.75
N ILE A 132 29.26 20.01 12.31
CA ILE A 132 28.64 21.11 11.59
C ILE A 132 29.60 21.68 10.55
N ILE A 141 25.66 26.12 12.17
CA ILE A 141 25.10 27.09 13.11
C ILE A 141 23.85 26.51 13.78
N MET A 142 24.06 25.77 14.86
CA MET A 142 22.95 25.16 15.58
C MET A 142 22.30 26.17 16.53
N LYS A 143 21.13 25.80 17.05
CA LYS A 143 20.39 26.64 17.98
C LYS A 143 19.55 25.75 18.88
N ARG A 144 19.75 25.87 20.20
CA ARG A 144 19.01 25.07 21.15
C ARG A 144 17.72 25.76 21.58
N PRO A 150 10.92 19.70 18.71
CA PRO A 150 12.02 20.32 17.96
C PRO A 150 13.23 20.59 18.85
N ALA A 151 14.40 20.10 18.45
CA ALA A 151 15.60 20.19 19.27
C ALA A 151 16.59 21.23 18.78
N VAL A 152 16.83 21.30 17.47
CA VAL A 152 17.85 22.18 16.92
C VAL A 152 17.28 22.96 15.75
N THR A 153 17.98 24.04 15.40
CA THR A 153 17.61 24.90 14.28
C THR A 153 18.87 25.31 13.55
N LEU A 154 18.95 24.96 12.27
CA LEU A 154 20.08 25.33 11.43
C LEU A 154 19.72 26.57 10.63
N LEU A 155 20.64 27.55 10.59
CA LEU A 155 20.44 28.78 9.86
C LEU A 155 21.34 28.77 8.62
N ILE A 156 20.74 28.81 7.44
CA ILE A 156 21.48 28.73 6.20
C ILE A 156 21.46 30.08 5.49
N ILE A 160 17.69 30.82 5.27
CA ILE A 160 16.92 29.58 5.39
C ILE A 160 16.99 29.04 6.81
N SER A 161 16.20 28.00 7.08
CA SER A 161 16.11 27.41 8.41
C SER A 161 15.47 26.03 8.30
N VAL A 162 15.95 25.10 9.12
CA VAL A 162 15.38 23.76 9.18
C VAL A 162 15.26 23.36 10.64
N ASP A 163 14.08 22.92 11.05
CA ASP A 163 13.83 22.44 12.41
C ASP A 163 14.01 20.93 12.43
N ILE A 164 15.09 20.48 13.03
CA ILE A 164 15.38 19.05 13.12
C ILE A 164 14.75 18.48 14.38
N THR A 165 14.03 17.38 14.23
CA THR A 165 13.36 16.72 15.34
C THR A 165 13.81 15.26 15.38
N LEU A 166 14.23 14.81 16.58
CA LEU A 166 14.62 13.42 16.78
C LEU A 166 13.39 12.59 17.07
N ALA A 167 13.27 11.44 16.41
CA ALA A 167 12.10 10.58 16.59
C ALA A 167 12.54 9.13 16.69
N LEU A 168 12.11 8.46 17.76
CA LEU A 168 12.30 7.03 17.89
C LEU A 168 11.24 6.31 17.05
N GLU A 169 11.68 5.36 16.23
CA GLU A 169 10.78 4.56 15.41
C GLU A 169 10.53 3.22 16.09
N SER A 170 9.27 2.80 16.12
CA SER A 170 8.88 1.49 16.63
C SER A 170 8.01 0.81 15.60
N LYS A 171 8.45 -0.38 15.15
CA LYS A 171 7.68 -1.17 14.21
C LYS A 171 6.66 -2.06 14.90
N SER A 172 6.51 -1.93 16.22
CA SER A 172 5.52 -2.70 16.94
C SER A 172 4.12 -2.17 16.66
N SER A 173 3.12 -2.87 17.18
CA SER A 173 1.74 -2.43 17.04
C SER A 173 1.50 -1.17 17.87
N TRP A 174 0.60 -0.32 17.40
CA TRP A 174 0.35 0.95 18.05
C TRP A 174 -0.20 0.73 19.46
N PRO A 175 0.03 1.68 20.38
CA PRO A 175 -0.48 1.54 21.75
C PRO A 175 -2.00 1.53 21.79
N ALA A 176 -2.52 1.12 22.96
CA ALA A 176 -3.96 0.97 23.14
C ALA A 176 -4.70 2.31 23.10
N SER A 177 -4.00 3.42 23.33
CA SER A 177 -4.62 4.73 23.24
C SER A 177 -5.04 5.08 21.81
N THR A 178 -4.47 4.41 20.81
CA THR A 178 -4.82 4.66 19.41
C THR A 178 -5.98 3.80 18.95
N GLN A 179 -6.60 3.02 19.85
CA GLN A 179 -7.54 1.98 19.43
C GLN A 179 -8.75 2.57 18.74
N GLU A 180 -9.33 3.62 19.29
CA GLU A 180 -10.55 4.20 18.76
C GLU A 180 -10.28 5.38 17.84
N GLY A 181 -9.02 5.62 17.47
CA GLY A 181 -8.66 6.74 16.63
C GLY A 181 -8.62 6.38 15.15
N LEU A 182 -8.12 7.33 14.36
CA LEU A 182 -7.98 7.19 12.90
C LEU A 182 -9.31 6.77 12.27
N ARG A 183 -10.40 7.37 12.74
CA ARG A 183 -11.75 7.04 12.29
C ARG A 183 -11.95 7.53 10.85
N ILE A 184 -11.41 6.75 9.92
CA ILE A 184 -11.45 7.04 8.49
C ILE A 184 -12.20 5.97 7.71
N GLN A 185 -12.96 5.11 8.40
CA GLN A 185 -13.54 3.94 7.77
C GLN A 185 -14.63 4.32 6.77
N ASN A 186 -15.40 5.36 7.05
CA ASN A 186 -16.45 5.78 6.13
C ASN A 186 -15.95 6.77 5.09
N TRP A 187 -14.65 7.07 5.09
CA TRP A 187 -14.06 8.05 4.21
C TRP A 187 -12.95 7.43 3.36
N LEU A 188 -11.90 6.91 3.98
CA LEU A 188 -10.84 6.26 3.24
C LEU A 188 -10.94 4.73 3.28
N SER A 189 -11.93 4.19 4.00
CA SER A 189 -12.30 2.78 4.11
C SER A 189 -11.62 2.08 5.28
N ALA A 190 -12.31 1.06 5.82
CA ALA A 190 -11.73 0.23 6.86
C ALA A 190 -10.47 -0.49 6.37
N LYS A 191 -10.44 -0.89 5.10
CA LYS A 191 -9.27 -1.58 4.57
C LYS A 191 -8.03 -0.70 4.68
N VAL A 192 -8.15 0.56 4.24
CA VAL A 192 -7.02 1.49 4.33
C VAL A 192 -6.63 1.70 5.79
N ARG A 193 -7.61 1.78 6.68
CA ARG A 193 -7.31 1.96 8.10
C ARG A 193 -6.43 0.83 8.63
N LYS A 194 -6.63 -0.38 8.14
CA LYS A 194 -5.81 -1.50 8.59
C LYS A 194 -4.41 -1.45 8.01
N GLN A 195 -4.25 -0.95 6.78
CA GLN A 195 -2.92 -0.89 6.18
C GLN A 195 -2.04 0.14 6.90
N LEU A 196 -2.59 1.31 7.20
CA LEU A 196 -1.78 2.34 7.85
C LEU A 196 -1.37 1.95 9.25
N ARG A 197 -2.23 1.22 9.97
CA ARG A 197 -1.91 0.82 11.34
C ARG A 197 -0.79 -0.21 11.40
N LEU A 198 -0.51 -0.92 10.30
CA LEU A 198 0.63 -1.82 10.25
C LEU A 198 1.95 -1.09 10.10
N LYS A 199 1.92 0.15 9.64
CA LYS A 199 3.12 0.94 9.53
C LYS A 199 3.65 1.28 10.92
N PRO A 200 4.93 1.62 11.03
CA PRO A 200 5.48 1.98 12.35
C PRO A 200 4.90 3.29 12.85
N PHE A 201 4.99 3.47 14.17
CA PHE A 201 4.70 4.74 14.81
C PHE A 201 5.98 5.32 15.39
N TYR A 202 5.92 6.58 15.79
CA TYR A 202 7.11 7.31 16.20
C TYR A 202 6.88 8.00 17.54
N LEU A 203 7.99 8.33 18.21
CA LEU A 203 7.96 8.95 19.53
C LEU A 203 8.99 10.07 19.56
N VAL A 204 8.53 11.28 19.86
CA VAL A 204 9.41 12.46 19.88
C VAL A 204 9.62 12.89 21.33
N PRO A 205 10.77 13.48 21.67
CA PRO A 205 10.99 13.93 23.06
C PRO A 205 10.13 15.14 23.37
N LYS A 206 9.21 14.98 24.33
CA LYS A 206 8.25 16.02 24.64
C LYS A 206 8.02 16.09 26.14
N HIS A 207 8.13 17.29 26.69
CA HIS A 207 7.78 17.52 28.08
C HIS A 207 6.29 17.25 28.30
N ALA A 208 5.93 16.91 29.53
CA ALA A 208 4.54 16.65 29.87
C ALA A 208 4.01 17.65 30.90
N GLN A 215 7.06 16.17 34.04
CA GLN A 215 7.86 14.98 33.78
C GLN A 215 8.71 15.21 32.53
N GLU A 216 10.02 14.90 32.63
CA GLU A 216 11.01 15.38 31.68
C GLU A 216 11.66 14.30 30.83
N GLU A 217 11.31 13.03 31.01
CA GLU A 217 11.83 11.96 30.16
C GLU A 217 10.69 11.23 29.45
N THR A 218 9.68 11.98 29.02
CA THR A 218 8.51 11.41 28.33
C THR A 218 8.63 11.63 26.82
N TRP A 219 8.07 10.69 26.07
CA TRP A 219 8.01 10.77 24.61
C TRP A 219 6.56 10.77 24.17
N ARG A 220 6.21 11.71 23.30
CA ARG A 220 4.84 11.81 22.81
C ARG A 220 4.70 11.05 21.50
N LEU A 221 3.52 10.45 21.32
CA LEU A 221 3.23 9.73 20.08
C LEU A 221 3.22 10.68 18.90
N SER A 222 3.77 10.22 17.77
CA SER A 222 3.83 11.02 16.55
C SER A 222 3.42 10.16 15.38
N PHE A 223 2.58 10.72 14.51
CA PHE A 223 2.10 10.06 13.31
C PHE A 223 2.20 11.00 12.12
N SER A 224 3.25 11.82 12.11
CA SER A 224 3.46 12.75 11.01
C SER A 224 3.53 12.03 9.68
N HIS A 225 3.98 10.77 9.66
CA HIS A 225 4.00 10.00 8.43
C HIS A 225 2.59 9.59 8.00
N ILE A 226 1.75 9.15 8.93
CA ILE A 226 0.38 8.82 8.57
C ILE A 226 -0.36 10.07 8.13
N GLU A 227 -0.20 11.17 8.87
CA GLU A 227 -0.81 12.44 8.49
C GLU A 227 -0.43 12.81 7.05
N LYS A 228 0.83 12.60 6.67
CA LYS A 228 1.26 12.89 5.30
C LYS A 228 0.50 12.05 4.29
N GLU A 229 0.33 10.76 4.57
CA GLU A 229 -0.39 9.91 3.62
C GLU A 229 -1.86 10.29 3.55
N ILE A 230 -2.49 10.50 4.70
CA ILE A 230 -3.90 10.89 4.75
C ILE A 230 -4.16 12.15 3.92
N LEU A 231 -3.17 13.05 3.85
CA LEU A 231 -3.39 14.32 3.19
C LEU A 231 -3.12 14.23 1.68
N ASN A 232 -2.05 13.53 1.28
CA ASN A 232 -1.70 13.35 -0.13
C ASN A 232 -2.48 12.23 -0.79
N ASN A 233 -3.40 11.60 -0.07
CA ASN A 233 -4.28 10.55 -0.58
C ASN A 233 -5.56 10.68 0.24
N HIS A 234 -6.42 11.62 -0.17
CA HIS A 234 -7.41 12.19 0.75
C HIS A 234 -8.85 11.96 0.35
N GLY A 235 -9.13 11.54 -0.89
CA GLY A 235 -10.50 11.39 -1.32
C GLY A 235 -11.04 9.99 -1.09
N LYS A 236 -12.37 9.87 -1.17
CA LYS A 236 -12.96 8.53 -1.18
C LYS A 236 -12.65 7.82 -2.49
N SER A 237 -12.73 8.53 -3.60
CA SER A 237 -12.28 8.00 -4.88
C SER A 237 -10.76 8.03 -4.95
N LYS A 238 -10.17 6.93 -5.41
CA LYS A 238 -8.73 6.87 -5.58
C LYS A 238 -8.22 7.85 -6.62
N THR A 239 -9.08 8.31 -7.53
CA THR A 239 -8.68 9.26 -8.58
C THR A 239 -9.01 10.70 -8.22
N CYS A 240 -9.29 10.98 -6.94
CA CYS A 240 -9.60 12.33 -6.50
C CYS A 240 -8.45 13.27 -6.84
N CYS A 241 -8.77 14.39 -7.49
CA CYS A 241 -7.84 15.42 -7.91
C CYS A 241 -6.88 14.96 -9.01
N GLU A 242 -7.18 13.86 -9.68
CA GLU A 242 -6.42 13.39 -10.83
C GLU A 242 -7.12 13.67 -12.16
N ASN A 243 -8.27 14.34 -12.12
CA ASN A 243 -8.99 14.73 -13.33
C ASN A 243 -9.95 15.85 -12.96
N LYS A 244 -10.29 16.68 -13.95
CA LYS A 244 -11.15 17.84 -13.70
C LYS A 244 -12.50 17.44 -13.14
N GLU A 245 -12.95 16.21 -13.41
CA GLU A 245 -14.26 15.77 -12.92
C GLU A 245 -14.25 15.52 -11.42
N GLU A 246 -13.09 15.28 -10.81
CA GLU A 246 -13.00 14.97 -9.39
C GLU A 246 -11.95 15.85 -8.72
N LYS A 247 -12.10 17.16 -8.89
CA LYS A 247 -11.22 18.14 -8.24
C LYS A 247 -11.88 18.57 -6.93
N CYS A 248 -11.29 18.19 -5.80
CA CYS A 248 -11.75 18.59 -4.50
C CYS A 248 -10.90 19.73 -3.97
N CYS A 249 -11.39 20.38 -2.90
CA CYS A 249 -10.71 21.53 -2.31
C CYS A 249 -10.25 21.24 -0.88
N ARG A 250 -10.02 19.95 -0.57
CA ARG A 250 -9.59 19.59 0.78
C ARG A 250 -8.25 20.24 1.13
N LYS A 251 -7.27 20.12 0.25
CA LYS A 251 -5.93 20.63 0.54
C LYS A 251 -5.94 22.15 0.70
N ASP A 252 -6.74 22.85 -0.11
CA ASP A 252 -6.79 24.31 -0.03
C ASP A 252 -7.48 24.78 1.23
N CYS A 253 -8.51 24.06 1.68
CA CYS A 253 -9.16 24.38 2.95
C CYS A 253 -8.16 24.30 4.10
N LEU A 254 -7.26 23.32 4.05
CA LEU A 254 -6.23 23.22 5.08
C LEU A 254 -5.20 24.34 4.94
N LYS A 255 -4.84 24.67 3.69
CA LYS A 255 -3.88 25.75 3.48
C LYS A 255 -4.43 27.08 3.98
N LEU A 256 -5.70 27.37 3.69
CA LEU A 256 -6.30 28.62 4.15
C LEU A 256 -6.47 28.63 5.67
N MET A 257 -6.81 27.50 6.26
CA MET A 257 -6.88 27.42 7.72
C MET A 257 -5.53 27.67 8.38
N LYS A 258 -4.46 27.07 7.85
CA LYS A 258 -3.13 27.33 8.37
C LYS A 258 -2.75 28.80 8.18
N TYR A 259 -3.01 29.34 6.99
CA TYR A 259 -2.68 30.74 6.72
C TYR A 259 -3.49 31.69 7.60
N LEU A 260 -4.74 31.34 7.89
CA LEU A 260 -5.55 32.19 8.76
C LEU A 260 -4.96 32.28 10.16
N LEU A 261 -4.51 31.15 10.70
CA LEU A 261 -3.93 31.15 12.04
C LEU A 261 -2.59 31.85 12.06
N GLU A 262 -1.72 31.56 11.07
CA GLU A 262 -0.41 32.18 11.04
C GLU A 262 -0.50 33.70 10.95
N GLN A 263 -1.41 34.21 10.12
CA GLN A 263 -1.57 35.65 9.98
C GLN A 263 -2.05 36.30 11.27
N LEU A 264 -3.03 35.67 11.93
CA LEU A 264 -3.53 36.21 13.19
C LEU A 264 -2.48 36.10 14.29
N LYS A 265 -1.68 35.04 14.28
CA LYS A 265 -0.61 34.91 15.27
C LYS A 265 0.45 36.01 15.09
N GLU A 266 0.77 36.34 13.84
CA GLU A 266 1.68 37.46 13.60
C GLU A 266 1.05 38.77 14.04
N ARG A 267 -0.23 38.98 13.69
CA ARG A 267 -0.91 40.24 14.00
C ARG A 267 -0.88 40.54 15.49
N PHE A 268 -1.23 39.55 16.32
CA PHE A 268 -1.23 39.72 17.77
C PHE A 268 -0.02 39.04 18.40
N LYS A 269 1.14 39.21 17.76
CA LYS A 269 2.37 38.60 18.29
C LYS A 269 2.79 39.23 19.61
N ASP A 270 2.64 40.56 19.74
CA ASP A 270 3.02 41.22 20.98
C ASP A 270 2.14 40.76 22.15
N LYS A 271 0.94 40.31 21.86
CA LYS A 271 0.11 39.67 22.88
C LYS A 271 0.51 38.20 23.01
N LYS A 272 0.13 37.60 24.14
CA LYS A 272 0.48 36.21 24.42
C LYS A 272 -0.68 35.25 24.23
N HIS A 273 -1.82 35.75 23.71
CA HIS A 273 -3.03 34.95 23.65
C HIS A 273 -2.90 33.76 22.70
N LEU A 274 -2.27 33.96 21.54
CA LEU A 274 -2.22 32.96 20.49
C LEU A 274 -0.91 32.19 20.47
N ASP A 275 -0.10 32.28 21.53
CA ASP A 275 1.24 31.73 21.49
C ASP A 275 1.25 30.20 21.39
N LYS A 276 0.30 29.55 22.05
CA LYS A 276 0.32 28.09 22.10
C LYS A 276 -0.48 27.43 20.98
N PHE A 277 -1.19 28.21 20.16
CA PHE A 277 -1.86 27.64 19.00
C PHE A 277 -0.84 27.42 17.89
N SER A 278 -0.96 26.28 17.21
CA SER A 278 0.00 25.90 16.18
C SER A 278 -0.76 25.33 14.99
N SER A 279 -0.04 25.22 13.86
CA SER A 279 -0.63 24.64 12.66
C SER A 279 -1.05 23.20 12.86
N TYR A 280 -0.56 22.53 13.92
CA TYR A 280 -1.01 21.17 14.17
C TYR A 280 -2.44 21.14 14.73
N HIS A 281 -2.80 22.16 15.51
CA HIS A 281 -4.20 22.25 15.95
C HIS A 281 -5.13 22.43 14.77
N VAL A 282 -4.76 23.33 13.85
CA VAL A 282 -5.53 23.54 12.62
C VAL A 282 -5.61 22.26 11.80
N LYS A 283 -4.50 21.52 11.70
CA LYS A 283 -4.51 20.28 10.93
C LYS A 283 -5.41 19.23 11.57
N THR A 284 -5.34 19.11 12.90
CA THR A 284 -6.18 18.13 13.60
C THR A 284 -7.65 18.42 13.38
N ALA A 285 -8.05 19.68 13.52
CA ALA A 285 -9.46 20.01 13.30
C ALA A 285 -9.87 19.71 11.86
N PHE A 286 -8.98 19.92 10.90
CA PHE A 286 -9.31 19.62 9.50
C PHE A 286 -9.54 18.14 9.29
N PHE A 287 -8.81 17.28 10.01
CA PHE A 287 -9.02 15.84 9.87
C PHE A 287 -10.40 15.43 10.38
N HIS A 288 -10.82 15.95 11.53
CA HIS A 288 -12.15 15.61 12.04
C HIS A 288 -13.24 16.09 11.09
N VAL A 289 -13.06 17.26 10.47
CA VAL A 289 -14.02 17.73 9.48
C VAL A 289 -14.07 16.76 8.29
N CYS A 290 -12.93 16.17 7.94
CA CYS A 290 -12.92 15.17 6.88
C CYS A 290 -13.71 13.93 7.29
N THR A 291 -13.57 13.49 8.55
CA THR A 291 -14.40 12.39 9.03
C THR A 291 -15.87 12.77 8.99
N GLN A 292 -16.19 14.03 9.32
CA GLN A 292 -17.57 14.48 9.30
C GLN A 292 -18.13 14.52 7.89
N ASN A 293 -17.29 14.86 6.91
CA ASN A 293 -17.70 15.01 5.51
C ASN A 293 -16.89 14.04 4.65
N PRO A 294 -17.26 12.77 4.64
CA PRO A 294 -16.43 11.74 3.99
C PRO A 294 -16.48 11.76 2.47
N GLN A 295 -17.58 12.22 1.90
CA GLN A 295 -17.77 12.13 0.45
C GLN A 295 -17.03 13.25 -0.27
N ASP A 296 -16.47 12.91 -1.43
CA ASP A 296 -15.79 13.92 -2.24
C ASP A 296 -16.75 14.99 -2.75
N SER A 297 -18.03 14.63 -2.94
CA SER A 297 -19.00 15.60 -3.42
C SER A 297 -19.24 16.72 -2.41
N GLN A 298 -18.87 16.51 -1.15
CA GLN A 298 -18.90 17.54 -0.12
C GLN A 298 -17.64 18.39 -0.12
N TRP A 299 -16.78 18.24 -1.13
CA TRP A 299 -15.54 19.02 -1.21
C TRP A 299 -15.27 19.52 -2.63
N ASP A 300 -16.29 19.61 -3.47
CA ASP A 300 -16.13 20.14 -4.82
C ASP A 300 -15.46 21.51 -4.78
N ARG A 301 -14.42 21.68 -5.60
CA ARG A 301 -13.68 22.95 -5.61
C ARG A 301 -14.53 24.14 -5.99
N LYS A 302 -15.72 23.90 -6.56
CA LYS A 302 -16.68 24.97 -6.77
C LYS A 302 -17.20 25.55 -5.46
N ASP A 303 -17.16 24.78 -4.38
CA ASP A 303 -17.67 25.17 -3.07
C ASP A 303 -16.54 25.47 -2.09
N LEU A 304 -15.47 26.10 -2.57
CA LEU A 304 -14.35 26.45 -1.69
C LEU A 304 -14.81 27.31 -0.53
N GLY A 305 -15.65 28.31 -0.79
CA GLY A 305 -16.13 29.16 0.29
C GLY A 305 -16.97 28.41 1.30
N LEU A 306 -17.83 27.51 0.83
CA LEU A 306 -18.66 26.73 1.76
C LEU A 306 -17.83 25.75 2.56
N CYS A 307 -16.91 25.03 1.89
CA CYS A 307 -16.08 24.08 2.60
C CYS A 307 -15.16 24.77 3.60
N PHE A 308 -14.58 25.90 3.21
CA PHE A 308 -13.72 26.64 4.13
C PHE A 308 -14.49 27.14 5.34
N ASP A 309 -15.73 27.61 5.13
CA ASP A 309 -16.58 28.00 6.26
C ASP A 309 -16.89 26.80 7.16
N ASN A 310 -16.98 25.60 6.58
CA ASN A 310 -17.15 24.40 7.40
C ASN A 310 -15.97 24.20 8.33
N CYS A 311 -14.75 24.36 7.79
CA CYS A 311 -13.56 24.16 8.60
C CYS A 311 -13.42 25.23 9.68
N VAL A 312 -13.77 26.47 9.36
CA VAL A 312 -13.74 27.54 10.34
C VAL A 312 -14.74 27.27 11.45
N THR A 313 -15.99 26.98 11.06
CA THR A 313 -17.05 26.73 12.02
C THR A 313 -16.68 25.62 12.99
N TYR A 314 -16.18 24.49 12.48
CA TYR A 314 -15.81 23.40 13.37
C TYR A 314 -14.67 23.81 14.29
N PHE A 315 -13.62 24.42 13.73
CA PHE A 315 -12.53 24.93 14.56
C PHE A 315 -13.05 25.86 15.64
N LEU A 316 -14.01 26.73 15.29
CA LEU A 316 -14.61 27.62 16.28
C LEU A 316 -15.33 26.81 17.35
N GLN A 317 -16.05 25.77 16.95
CA GLN A 317 -16.76 24.97 17.93
C GLN A 317 -15.80 24.29 18.90
N CYS A 318 -14.64 23.86 18.41
CA CYS A 318 -13.64 23.26 19.28
C CYS A 318 -13.14 24.26 20.32
N LEU A 319 -13.09 25.55 19.99
CA LEU A 319 -12.59 26.55 20.93
C LEU A 319 -13.63 26.84 22.02
N ARG A 320 -14.89 27.05 21.62
CA ARG A 320 -15.92 27.38 22.60
C ARG A 320 -16.15 26.24 23.58
N THR A 321 -16.15 25.00 23.08
CA THR A 321 -16.36 23.85 23.95
C THR A 321 -15.08 23.35 24.58
N GLU A 322 -13.93 23.88 24.17
CA GLU A 322 -12.63 23.46 24.70
C GLU A 322 -12.42 21.96 24.53
N LYS A 323 -12.74 21.44 23.34
CA LYS A 323 -12.55 20.03 23.03
C LYS A 323 -11.97 19.90 21.62
N LEU A 324 -10.75 19.36 21.52
CA LEU A 324 -10.13 19.06 20.24
C LEU A 324 -9.30 17.79 20.41
N GLU A 325 -9.91 16.65 20.11
CA GLU A 325 -9.22 15.37 20.31
C GLU A 325 -8.13 15.18 19.27
N ASN A 326 -7.00 14.62 19.71
CA ASN A 326 -5.99 14.15 18.77
C ASN A 326 -6.60 13.12 17.85
N TYR A 327 -6.35 13.26 16.54
CA TYR A 327 -7.00 12.41 15.55
C TYR A 327 -6.66 10.94 15.76
N PHE A 328 -5.49 10.66 16.33
CA PHE A 328 -5.06 9.29 16.60
C PHE A 328 -5.27 8.87 18.05
N ILE A 329 -5.20 9.81 18.99
CA ILE A 329 -5.40 9.52 20.40
C ILE A 329 -6.64 10.28 20.88
N PRO A 330 -7.84 9.69 20.75
CA PRO A 330 -9.05 10.48 21.00
C PRO A 330 -9.19 11.00 22.42
N GLU A 331 -8.68 10.30 23.42
CA GLU A 331 -8.80 10.78 24.80
C GLU A 331 -7.76 11.84 25.15
N PHE A 332 -6.94 12.25 24.19
CA PHE A 332 -5.97 13.33 24.37
C PHE A 332 -6.57 14.59 23.76
N ASN A 333 -6.94 15.56 24.60
CA ASN A 333 -7.63 16.77 24.16
C ASN A 333 -6.61 17.91 24.05
N LEU A 334 -6.26 18.26 22.82
CA LEU A 334 -5.31 19.35 22.60
C LEU A 334 -5.82 20.71 23.07
N PHE A 335 -7.12 20.83 23.38
CA PHE A 335 -7.72 22.08 23.79
C PHE A 335 -8.22 22.05 25.24
N SER A 336 -7.68 21.15 26.06
CA SER A 336 -8.09 21.11 27.47
C SER A 336 -7.70 22.40 28.17
N SER A 337 -8.42 22.70 29.26
CA SER A 337 -8.10 23.89 30.04
C SER A 337 -6.75 23.78 30.75
N ASN A 338 -6.27 22.56 30.98
CA ASN A 338 -4.94 22.39 31.54
C ASN A 338 -3.85 22.83 30.56
N LEU A 339 -4.14 22.78 29.26
CA LEU A 339 -3.16 23.12 28.23
C LEU A 339 -3.27 24.56 27.76
N ILE A 340 -4.48 25.05 27.48
CA ILE A 340 -4.67 26.37 26.90
C ILE A 340 -5.69 27.15 27.71
N ASP A 341 -5.35 28.41 28.02
CA ASP A 341 -6.25 29.30 28.74
C ASP A 341 -7.57 29.47 28.01
N LYS A 342 -8.66 29.47 28.78
CA LYS A 342 -9.98 29.70 28.20
C LYS A 342 -10.06 31.09 27.58
N ARG A 343 -9.49 32.09 28.25
CA ARG A 343 -9.43 33.44 27.69
C ARG A 343 -8.67 33.44 26.38
N SER A 344 -7.60 32.64 26.29
CA SER A 344 -6.88 32.52 25.02
C SER A 344 -7.78 31.98 23.92
N LYS A 345 -8.57 30.94 24.23
CA LYS A 345 -9.47 30.38 23.24
C LYS A 345 -10.55 31.38 22.84
N GLU A 346 -11.11 32.10 23.82
CA GLU A 346 -12.14 33.09 23.52
C GLU A 346 -11.59 34.25 22.70
N PHE A 347 -10.32 34.61 22.89
CA PHE A 347 -9.73 35.66 22.07
C PHE A 347 -9.62 35.22 20.62
N LEU A 348 -9.03 34.04 20.38
CA LEU A 348 -8.95 33.53 19.02
C LEU A 348 -10.33 33.35 18.42
N THR A 349 -11.31 32.96 19.24
CA THR A 349 -12.68 32.82 18.77
C THR A 349 -13.22 34.16 18.27
N LYS A 350 -13.04 35.22 19.05
CA LYS A 350 -13.60 36.51 18.67
C LYS A 350 -12.86 37.10 17.46
N GLN A 351 -11.55 36.87 17.36
CA GLN A 351 -10.81 37.38 16.21
C GLN A 351 -11.22 36.69 14.91
N ILE A 352 -11.29 35.35 14.93
CA ILE A 352 -11.72 34.63 13.73
C ILE A 352 -13.15 35.00 13.39
N GLU A 353 -13.99 35.22 14.40
CA GLU A 353 -15.36 35.62 14.14
C GLU A 353 -15.41 36.99 13.46
N TYR A 354 -14.55 37.92 13.88
CA TYR A 354 -14.46 39.19 13.19
C TYR A 354 -14.02 38.99 11.75
N GLU A 355 -12.99 38.15 11.53
CA GLU A 355 -12.50 37.92 10.18
C GLU A 355 -13.59 37.37 9.29
N ARG A 356 -14.30 36.32 9.75
CA ARG A 356 -15.33 35.70 8.94
C ARG A 356 -16.48 36.66 8.63
N ASN A 357 -16.75 37.62 9.52
CA ASN A 357 -17.84 38.56 9.35
C ASN A 357 -17.50 39.72 8.42
N ASN A 358 -16.22 39.90 8.06
CA ASN A 358 -15.81 41.03 7.24
C ASN A 358 -15.07 40.56 5.98
N GLU A 359 -15.48 39.41 5.44
CA GLU A 359 -14.90 38.85 4.22
C GLU A 359 -13.40 38.61 4.34
N PHE A 360 -12.95 38.27 5.55
CA PHE A 360 -11.56 37.91 5.86
C PHE A 360 -10.55 38.95 5.41
N PRO A 361 -10.54 40.15 6.00
CA PRO A 361 -9.52 41.14 5.63
C PRO A 361 -8.11 40.73 5.99
N VAL A 362 -7.95 39.69 6.82
CA VAL A 362 -6.63 39.12 7.10
C VAL A 362 -5.98 38.56 5.84
N PHE A 363 -6.75 38.39 4.77
CA PHE A 363 -6.27 37.81 3.53
C PHE A 363 -5.89 38.87 2.50
N ASP A 364 -5.69 40.10 2.93
CA ASP A 364 -5.32 41.19 2.03
C ASP A 364 -3.81 41.34 1.96
N GLY B 5 -31.26 -12.83 -16.13
CA GLY B 5 -30.86 -14.21 -15.92
C GLY B 5 -29.79 -14.39 -14.85
N ALA B 6 -29.73 -13.44 -13.91
CA ALA B 6 -28.72 -13.49 -12.85
C ALA B 6 -29.04 -14.55 -11.80
N SER B 7 -30.28 -15.04 -11.76
CA SER B 7 -30.67 -15.98 -10.72
C SER B 7 -29.88 -17.28 -10.83
N LYS B 8 -29.66 -17.76 -12.05
CA LYS B 8 -28.84 -18.96 -12.22
C LYS B 8 -27.38 -18.69 -11.88
N LEU B 9 -26.92 -17.46 -12.07
CA LEU B 9 -25.52 -17.15 -11.78
C LEU B 9 -25.27 -17.12 -10.28
N ARG B 10 -26.09 -16.37 -9.53
CA ARG B 10 -25.85 -16.31 -8.10
C ARG B 10 -26.17 -17.65 -7.42
N ALA B 11 -26.99 -18.48 -8.05
CA ALA B 11 -27.12 -19.87 -7.60
C ALA B 11 -25.78 -20.59 -7.71
N VAL B 12 -25.07 -20.39 -8.81
CA VAL B 12 -23.73 -20.94 -8.94
C VAL B 12 -22.80 -20.33 -7.91
N LEU B 13 -22.90 -19.01 -7.71
CA LEU B 13 -22.02 -18.34 -6.76
C LEU B 13 -22.27 -18.79 -5.32
N GLU B 14 -23.51 -19.18 -5.00
CA GLU B 14 -23.79 -19.70 -3.67
C GLU B 14 -23.23 -21.11 -3.50
N LYS B 15 -23.40 -21.97 -4.51
CA LYS B 15 -22.85 -23.32 -4.45
C LYS B 15 -21.33 -23.29 -4.39
N LEU B 16 -20.70 -22.45 -5.22
CA LEU B 16 -19.25 -22.28 -5.15
C LEU B 16 -18.81 -21.67 -3.82
N LYS B 17 -19.70 -20.93 -3.16
CA LYS B 17 -19.37 -20.29 -1.89
C LYS B 17 -19.20 -21.31 -0.78
N LEU B 18 -19.97 -22.41 -0.80
CA LEU B 18 -19.97 -23.39 0.27
C LEU B 18 -18.76 -24.31 0.24
N SER B 19 -17.67 -23.90 -0.40
CA SER B 19 -16.36 -24.51 -0.24
C SER B 19 -15.55 -23.76 0.81
N ARG B 20 -16.17 -23.55 1.98
CA ARG B 20 -15.56 -22.78 3.06
C ARG B 20 -15.16 -23.67 4.23
N ALA B 26 -7.88 -29.52 5.28
CA ALA B 26 -7.50 -28.73 4.11
C ALA B 26 -6.25 -27.91 4.40
N ALA B 27 -6.38 -26.58 4.30
CA ALA B 27 -5.28 -25.70 4.68
C ALA B 27 -4.93 -25.90 6.15
N GLY B 28 -3.70 -26.31 6.41
CA GLY B 28 -3.30 -26.74 7.73
C GLY B 28 -2.47 -28.00 7.59
N MET B 29 -3.02 -29.00 6.90
CA MET B 29 -2.17 -30.06 6.39
C MET B 29 -1.25 -29.53 5.30
N VAL B 30 -1.75 -28.60 4.49
CA VAL B 30 -0.90 -27.89 3.53
C VAL B 30 0.10 -27.00 4.27
N LYS B 31 -0.40 -26.21 5.24
CA LYS B 31 0.48 -25.31 5.97
C LYS B 31 1.62 -26.06 6.66
N GLY B 32 1.30 -27.18 7.32
CA GLY B 32 2.34 -27.95 7.98
C GLY B 32 3.38 -28.49 7.02
N VAL B 33 2.96 -28.87 5.81
CA VAL B 33 3.90 -29.39 4.83
C VAL B 33 4.78 -28.27 4.29
N VAL B 34 4.17 -27.15 3.89
CA VAL B 34 4.96 -26.05 3.36
C VAL B 34 5.86 -25.45 4.43
N ASP B 35 5.41 -25.46 5.68
CA ASP B 35 6.26 -24.97 6.77
C ASP B 35 7.45 -25.89 6.99
N HIS B 36 7.22 -27.20 6.97
CA HIS B 36 8.33 -28.14 7.09
C HIS B 36 9.25 -28.08 5.88
N LEU B 37 8.71 -27.81 4.69
CA LEU B 37 9.56 -27.66 3.51
C LEU B 37 10.44 -26.42 3.61
N LEU B 38 9.89 -25.32 4.13
CA LEU B 38 10.67 -24.10 4.26
C LEU B 38 11.77 -24.26 5.31
N LEU B 39 11.48 -24.94 6.41
CA LEU B 39 12.48 -25.12 7.44
C LEU B 39 13.71 -25.85 6.90
N ARG B 40 13.49 -26.86 6.06
CA ARG B 40 14.62 -27.56 5.45
C ARG B 40 15.25 -26.76 4.32
N LEU B 41 14.42 -26.14 3.48
CA LEU B 41 14.95 -25.36 2.37
C LEU B 41 15.82 -24.21 2.86
N LYS B 42 15.47 -23.63 4.02
CA LYS B 42 16.29 -22.54 4.57
C LYS B 42 17.62 -23.02 5.12
N CYS B 43 17.83 -24.34 5.22
CA CYS B 43 19.11 -24.88 5.65
C CYS B 43 20.10 -25.04 4.50
N ASP B 44 19.66 -24.83 3.26
CA ASP B 44 20.55 -24.89 2.11
C ASP B 44 21.09 -23.50 1.80
N SER B 45 22.37 -23.43 1.48
CA SER B 45 23.00 -22.14 1.19
C SER B 45 22.40 -21.50 -0.05
N ALA B 46 22.05 -22.31 -1.05
CA ALA B 46 21.49 -21.76 -2.28
C ALA B 46 20.04 -21.29 -2.09
N PHE B 47 19.33 -21.82 -1.09
CA PHE B 47 17.94 -21.45 -0.83
C PHE B 47 17.78 -20.82 0.54
N ARG B 48 18.82 -20.11 1.01
CA ARG B 48 18.83 -19.59 2.36
C ARG B 48 17.73 -18.55 2.57
N GLY B 49 17.50 -17.69 1.58
CA GLY B 49 16.53 -16.62 1.73
C GLY B 49 15.16 -16.95 1.18
N VAL B 50 14.82 -18.24 1.11
CA VAL B 50 13.53 -18.64 0.58
C VAL B 50 12.43 -18.33 1.58
N GLY B 51 11.23 -18.10 1.06
CA GLY B 51 10.09 -17.82 1.90
C GLY B 51 8.81 -17.82 1.08
N LEU B 52 7.70 -17.83 1.80
CA LEU B 52 6.39 -17.73 1.15
C LEU B 52 6.22 -16.35 0.53
N LEU B 53 5.52 -16.31 -0.60
CA LEU B 53 5.23 -15.03 -1.24
C LEU B 53 4.18 -14.26 -0.45
N ASN B 54 2.95 -14.76 -0.43
CA ASN B 54 1.85 -14.09 0.26
C ASN B 54 2.02 -14.16 1.77
N TYR B 59 -1.07 -20.34 0.62
CA TYR B 59 -2.27 -21.03 0.17
C TYR B 59 -3.14 -20.15 -0.71
N GLU B 60 -3.28 -20.53 -1.98
CA GLU B 60 -4.11 -19.81 -2.93
C GLU B 60 -4.87 -20.81 -3.79
N HIS B 61 -6.17 -20.54 -4.00
CA HIS B 61 -7.02 -21.41 -4.80
C HIS B 61 -7.09 -20.84 -6.21
N VAL B 62 -6.15 -21.29 -7.06
CA VAL B 62 -6.13 -20.81 -8.44
C VAL B 62 -7.37 -21.28 -9.19
N LYS B 63 -7.85 -22.48 -8.89
CA LYS B 63 -9.06 -23.01 -9.50
C LYS B 63 -10.23 -22.85 -8.54
N ILE B 64 -11.33 -22.29 -9.04
CA ILE B 64 -12.47 -21.97 -8.18
C ILE B 64 -13.23 -23.23 -7.77
N SER B 65 -13.27 -24.25 -8.64
CA SER B 65 -14.00 -25.47 -8.38
C SER B 65 -13.08 -26.64 -8.00
N ALA B 66 -11.90 -26.34 -7.47
CA ALA B 66 -10.94 -27.37 -7.05
C ALA B 66 -10.52 -27.08 -5.61
N PRO B 67 -11.40 -27.33 -4.64
CA PRO B 67 -11.04 -27.05 -3.24
C PRO B 67 -9.91 -27.92 -2.72
N ASN B 68 -9.62 -29.04 -3.38
CA ASN B 68 -8.51 -29.91 -3.00
C ASN B 68 -7.25 -29.62 -3.81
N GLU B 69 -7.19 -28.47 -4.46
CA GLU B 69 -6.02 -28.05 -5.22
C GLU B 69 -5.56 -26.71 -4.68
N PHE B 70 -4.36 -26.68 -4.12
CA PHE B 70 -3.78 -25.47 -3.58
C PHE B 70 -2.57 -25.06 -4.42
N ASP B 71 -2.14 -23.82 -4.23
CA ASP B 71 -1.05 -23.26 -5.02
C ASP B 71 -0.29 -22.27 -4.15
N VAL B 72 1.01 -22.49 -4.01
CA VAL B 72 1.87 -21.61 -3.22
C VAL B 72 3.05 -21.19 -4.07
N MET B 73 3.61 -20.02 -3.75
CA MET B 73 4.77 -19.48 -4.45
C MET B 73 5.89 -19.28 -3.43
N PHE B 74 7.03 -19.91 -3.70
CA PHE B 74 8.22 -19.76 -2.87
C PHE B 74 9.09 -18.67 -3.51
N LYS B 75 9.25 -17.56 -2.79
CA LYS B 75 10.07 -16.46 -3.28
C LYS B 75 11.50 -16.58 -2.76
N LEU B 76 12.44 -16.06 -3.55
CA LEU B 76 13.85 -16.05 -3.15
C LEU B 76 14.52 -14.88 -3.85
N GLU B 77 14.94 -13.88 -3.07
CA GLU B 77 15.48 -12.67 -3.67
C GLU B 77 16.87 -12.90 -4.25
N VAL B 78 17.09 -12.39 -5.45
CA VAL B 78 18.41 -12.39 -6.07
C VAL B 78 18.91 -10.95 -6.14
N PRO B 79 19.75 -10.52 -5.19
CA PRO B 79 20.12 -9.11 -5.12
C PRO B 79 21.02 -8.71 -6.29
N ARG B 80 20.69 -7.58 -6.91
CA ARG B 80 21.48 -7.01 -8.01
C ARG B 80 21.73 -8.02 -9.12
N ILE B 81 20.73 -8.27 -9.96
CA ILE B 81 20.86 -9.18 -11.10
C ILE B 81 20.83 -8.37 -12.40
N GLN B 82 21.11 -9.06 -13.51
CA GLN B 82 21.06 -8.47 -14.85
C GLN B 82 20.16 -9.33 -15.72
N LEU B 83 18.96 -8.84 -15.99
CA LEU B 83 18.01 -9.53 -16.85
C LEU B 83 18.31 -9.22 -18.31
N GLU B 84 18.55 -10.27 -19.10
CA GLU B 84 18.77 -10.13 -20.53
C GLU B 84 17.58 -10.72 -21.27
N GLU B 85 16.86 -9.88 -22.00
CA GLU B 85 15.68 -10.32 -22.74
C GLU B 85 16.08 -11.34 -23.81
N TYR B 86 15.29 -12.39 -23.94
CA TYR B 86 15.54 -13.44 -24.92
C TYR B 86 14.73 -13.15 -26.19
N SER B 87 15.44 -12.75 -27.24
CA SER B 87 14.91 -12.69 -28.61
C SER B 87 13.54 -11.99 -28.67
N ASN B 88 13.47 -10.84 -28.03
CA ASN B 88 12.33 -9.92 -28.11
C ASN B 88 11.02 -10.50 -27.60
N THR B 89 11.04 -11.70 -27.01
CA THR B 89 9.89 -12.18 -26.24
C THR B 89 9.87 -11.39 -24.94
N ARG B 90 9.03 -10.35 -24.91
CA ARG B 90 9.14 -9.33 -23.87
C ARG B 90 8.84 -9.86 -22.46
N ALA B 91 8.55 -11.14 -22.31
CA ALA B 91 8.28 -11.72 -21.00
C ALA B 91 9.33 -12.72 -20.53
N TYR B 92 10.18 -13.22 -21.42
CA TYR B 92 11.17 -14.23 -21.08
C TYR B 92 12.55 -13.59 -21.05
N TYR B 93 13.35 -13.96 -20.06
CA TYR B 93 14.63 -13.31 -19.81
C TYR B 93 15.66 -14.32 -19.35
N PHE B 94 16.93 -14.00 -19.58
CA PHE B 94 18.05 -14.71 -18.98
C PHE B 94 18.50 -13.95 -17.75
N VAL B 95 18.90 -14.67 -16.71
CA VAL B 95 19.30 -14.07 -15.44
C VAL B 95 20.83 -14.11 -15.34
N LYS B 96 21.43 -12.95 -15.20
CA LYS B 96 22.86 -12.79 -14.97
C LYS B 96 23.11 -12.23 -13.58
N PHE B 97 24.37 -12.01 -13.25
CA PHE B 97 24.74 -11.48 -11.94
C PHE B 97 25.78 -10.37 -12.05
N LYS B 102 32.87 -16.30 -3.80
CA LYS B 102 31.50 -16.77 -3.67
C LYS B 102 30.64 -15.75 -2.94
N GLU B 103 30.28 -14.67 -3.63
CA GLU B 103 29.35 -13.68 -3.08
C GLU B 103 27.91 -13.96 -3.50
N ASN B 104 27.70 -14.84 -4.48
CA ASN B 104 26.37 -15.23 -4.90
C ASN B 104 26.10 -16.66 -4.44
N PRO B 105 25.08 -16.90 -3.61
CA PRO B 105 24.83 -18.27 -3.12
C PRO B 105 24.28 -19.20 -4.19
N LEU B 106 23.94 -18.70 -5.36
CA LEU B 106 23.55 -19.53 -6.50
C LEU B 106 24.73 -19.95 -7.35
N SER B 107 25.93 -20.01 -6.75
CA SER B 107 27.15 -20.28 -7.50
C SER B 107 27.20 -21.70 -8.05
N GLN B 108 26.34 -22.60 -7.56
CA GLN B 108 26.33 -23.98 -8.05
C GLN B 108 25.48 -24.15 -9.30
N PHE B 109 24.76 -23.12 -9.72
CA PHE B 109 23.79 -23.24 -10.80
C PHE B 109 24.16 -22.46 -12.06
N LEU B 110 25.35 -21.87 -12.14
CA LEU B 110 25.69 -21.14 -13.36
C LEU B 110 25.97 -22.09 -14.50
N GLU B 111 25.58 -21.68 -15.71
CA GLU B 111 25.99 -22.33 -16.93
C GLU B 111 26.76 -21.31 -17.76
N GLY B 112 27.84 -20.79 -17.18
CA GLY B 112 28.56 -19.67 -17.74
C GLY B 112 28.29 -18.42 -16.93
N GLU B 113 27.70 -17.41 -17.56
CA GLU B 113 27.20 -16.24 -16.85
C GLU B 113 25.69 -16.28 -16.64
N ILE B 114 25.05 -17.41 -16.96
CA ILE B 114 23.60 -17.53 -16.98
C ILE B 114 23.17 -18.46 -15.86
N LEU B 115 22.17 -18.06 -15.10
CA LEU B 115 21.56 -18.94 -14.11
C LEU B 115 20.80 -20.05 -14.84
N SER B 116 21.22 -21.30 -14.60
CA SER B 116 20.54 -22.45 -15.21
C SER B 116 19.23 -22.71 -14.47
N ALA B 117 18.11 -22.55 -15.17
CA ALA B 117 16.82 -22.85 -14.57
C ALA B 117 16.68 -24.34 -14.28
N SER B 118 17.18 -25.18 -15.17
CA SER B 118 17.08 -26.63 -14.98
C SER B 118 17.79 -27.07 -13.70
N LYS B 119 19.07 -26.69 -13.56
CA LYS B 119 19.82 -27.08 -12.37
C LYS B 119 19.23 -26.49 -11.11
N MET B 120 18.85 -25.21 -11.15
CA MET B 120 18.22 -24.57 -10.01
C MET B 120 16.91 -25.28 -9.63
N LEU B 121 16.16 -25.74 -10.64
CA LEU B 121 14.92 -26.47 -10.37
C LEU B 121 15.20 -27.90 -9.94
N SER B 122 16.22 -28.53 -10.51
CA SER B 122 16.51 -29.93 -10.18
C SER B 122 16.86 -30.10 -8.70
N LYS B 123 17.70 -29.21 -8.16
CA LYS B 123 18.02 -29.28 -6.75
C LYS B 123 16.82 -28.94 -5.88
N PHE B 124 16.07 -27.91 -6.27
CA PHE B 124 14.83 -27.57 -5.57
C PHE B 124 13.88 -28.76 -5.54
N ARG B 125 13.81 -29.50 -6.64
CA ARG B 125 12.95 -30.68 -6.69
C ARG B 125 13.50 -31.80 -5.83
N LYS B 126 14.82 -32.02 -5.86
CA LYS B 126 15.39 -33.14 -5.13
C LYS B 126 15.35 -32.93 -3.62
N ILE B 127 15.45 -31.68 -3.16
CA ILE B 127 15.39 -31.42 -1.73
C ILE B 127 14.00 -31.73 -1.19
N ILE B 128 12.96 -31.32 -1.93
CA ILE B 128 11.58 -31.59 -1.51
C ILE B 128 11.30 -33.10 -1.54
N LYS B 129 11.87 -33.80 -2.51
CA LYS B 129 11.71 -35.25 -2.57
C LYS B 129 12.20 -35.92 -1.29
N GLU B 130 13.42 -35.60 -0.89
CA GLU B 130 13.97 -36.16 0.34
C GLU B 130 13.32 -35.60 1.60
N GLU B 131 12.45 -34.59 1.46
CA GLU B 131 11.86 -33.94 2.63
C GLU B 131 10.40 -34.31 2.88
N ILE B 132 9.66 -34.73 1.86
CA ILE B 132 8.29 -35.18 2.09
C ILE B 132 8.25 -36.58 2.68
N ASN B 133 9.37 -37.30 2.70
CA ASN B 133 9.40 -38.64 3.25
C ASN B 133 9.52 -38.64 4.77
N ASP B 134 10.12 -37.60 5.34
CA ASP B 134 10.30 -37.55 6.80
C ASP B 134 8.95 -37.56 7.52
N ILE B 135 7.94 -36.94 6.92
CA ILE B 135 6.60 -36.95 7.49
C ILE B 135 5.94 -38.30 7.22
N ASP B 137 3.97 -40.19 9.51
CA ASP B 137 2.84 -39.36 9.95
C ASP B 137 1.87 -39.12 8.80
N THR B 138 2.24 -38.19 7.91
CA THR B 138 1.44 -37.86 6.74
C THR B 138 2.13 -38.38 5.49
N ASP B 139 1.38 -39.11 4.65
CA ASP B 139 1.91 -39.66 3.42
C ASP B 139 1.82 -38.61 2.32
N VAL B 140 2.96 -38.24 1.75
CA VAL B 140 3.04 -37.24 0.69
C VAL B 140 3.75 -37.88 -0.51
N ILE B 141 3.23 -37.61 -1.70
CA ILE B 141 3.84 -38.08 -2.94
C ILE B 141 4.07 -36.87 -3.83
N MET B 142 5.22 -36.82 -4.49
CA MET B 142 5.48 -35.81 -5.51
C MET B 142 5.11 -36.39 -6.87
N LYS B 143 4.22 -35.70 -7.58
CA LYS B 143 3.88 -36.14 -8.92
C LYS B 143 5.10 -36.01 -9.83
N ARG B 144 5.05 -36.74 -10.94
CA ARG B 144 6.18 -36.72 -11.86
C ARG B 144 6.23 -35.38 -12.60
N LYS B 145 7.34 -35.16 -13.30
CA LYS B 145 7.53 -33.95 -14.09
C LYS B 145 6.80 -34.06 -15.43
N GLY B 148 8.82 -27.28 -14.89
CA GLY B 148 8.93 -25.84 -15.10
C GLY B 148 8.14 -25.02 -14.09
N SER B 149 6.95 -24.59 -14.49
CA SER B 149 6.08 -23.81 -13.61
C SER B 149 4.62 -24.15 -13.83
N ALA B 151 6.32 -26.42 -11.13
CA ALA B 151 7.64 -26.93 -10.76
C ALA B 151 7.52 -28.29 -10.07
N VAL B 152 6.93 -28.27 -8.87
CA VAL B 152 6.70 -29.47 -8.07
C VAL B 152 5.24 -29.51 -7.68
N THR B 153 4.64 -30.70 -7.69
CA THR B 153 3.29 -30.90 -7.21
C THR B 153 3.28 -32.06 -6.22
N LEU B 154 2.81 -31.80 -5.01
CA LEU B 154 2.71 -32.80 -3.96
C LEU B 154 1.27 -33.30 -3.85
N LEU B 155 1.12 -34.53 -3.41
CA LEU B 155 -0.17 -35.17 -3.21
C LEU B 155 -0.30 -35.49 -1.72
N ILE B 156 -1.04 -34.66 -1.00
CA ILE B 156 -1.17 -34.83 0.45
C ILE B 156 -2.28 -35.84 0.71
N SER B 157 -1.91 -36.99 1.29
CA SER B 157 -2.88 -37.97 1.78
C SER B 157 -3.90 -38.37 0.72
N GLU B 158 -3.42 -38.51 -0.51
CA GLU B 158 -4.16 -38.98 -1.68
C GLU B 158 -5.36 -38.11 -2.04
N LYS B 159 -5.58 -36.98 -1.37
CA LYS B 159 -6.77 -36.19 -1.66
C LYS B 159 -6.48 -34.78 -2.12
N ILE B 160 -5.52 -34.10 -1.49
CA ILE B 160 -5.22 -32.70 -1.72
C ILE B 160 -3.88 -32.59 -2.42
N SER B 161 -3.86 -31.86 -3.53
CA SER B 161 -2.64 -31.59 -4.27
C SER B 161 -2.19 -30.16 -4.06
N VAL B 162 -0.87 -29.94 -4.02
CA VAL B 162 -0.28 -28.62 -3.81
C VAL B 162 0.75 -28.36 -4.90
N ASP B 163 0.59 -27.27 -5.63
CA ASP B 163 1.58 -26.84 -6.63
C ASP B 163 2.47 -25.77 -6.00
N ILE B 164 3.77 -26.06 -5.95
CA ILE B 164 4.76 -25.13 -5.44
C ILE B 164 5.55 -24.58 -6.61
N THR B 165 5.67 -23.26 -6.68
CA THR B 165 6.40 -22.57 -7.72
C THR B 165 7.56 -21.80 -7.10
N LEU B 166 8.76 -21.98 -7.66
CA LEU B 166 9.91 -21.20 -7.24
C LEU B 166 9.93 -19.89 -8.00
N ALA B 167 9.99 -18.77 -7.27
CA ALA B 167 10.01 -17.45 -7.88
C ALA B 167 11.26 -16.70 -7.44
N LEU B 168 12.08 -16.30 -8.40
CA LEU B 168 13.15 -15.35 -8.12
C LEU B 168 12.54 -13.98 -7.86
N GLU B 169 13.05 -13.29 -6.85
CA GLU B 169 12.59 -11.95 -6.50
C GLU B 169 13.69 -10.94 -6.80
N SER B 170 13.31 -9.83 -7.43
CA SER B 170 14.22 -8.71 -7.66
C SER B 170 13.54 -7.44 -7.20
N LYS B 171 14.15 -6.75 -6.26
CA LYS B 171 13.60 -5.49 -5.77
C LYS B 171 13.97 -4.30 -6.66
N SER B 172 14.57 -4.56 -7.82
CA SER B 172 14.92 -3.50 -8.75
C SER B 172 13.66 -3.03 -9.48
N SER B 173 13.83 -2.00 -10.31
CA SER B 173 12.71 -1.48 -11.07
C SER B 173 12.30 -2.46 -12.15
N TRP B 174 11.03 -2.41 -12.54
CA TRP B 174 10.49 -3.37 -13.48
C TRP B 174 11.14 -3.21 -14.85
N PRO B 175 11.21 -4.30 -15.63
CA PRO B 175 11.78 -4.20 -16.98
C PRO B 175 11.03 -3.21 -17.86
N ALA B 176 11.72 -2.75 -18.90
CA ALA B 176 11.15 -1.76 -19.82
C ALA B 176 9.94 -2.30 -20.58
N SER B 177 9.83 -3.62 -20.73
CA SER B 177 8.67 -4.19 -21.41
C SER B 177 7.37 -3.96 -20.64
N THR B 178 7.44 -3.61 -19.35
CA THR B 178 6.26 -3.31 -18.56
C THR B 178 5.91 -1.83 -18.57
N GLN B 179 6.67 -1.01 -19.28
CA GLN B 179 6.51 0.45 -19.21
C GLN B 179 5.08 0.87 -19.53
N GLU B 180 4.48 0.29 -20.57
CA GLU B 180 3.15 0.67 -21.02
C GLU B 180 2.05 -0.20 -20.44
N GLY B 181 2.38 -1.14 -19.56
CA GLY B 181 1.40 -2.03 -18.99
C GLY B 181 0.75 -1.48 -17.73
N LEU B 182 -0.03 -2.33 -17.08
CA LEU B 182 -0.72 -1.98 -15.84
C LEU B 182 -1.52 -0.68 -16.00
N ARG B 183 -2.22 -0.57 -17.14
CA ARG B 183 -2.98 0.63 -17.47
C ARG B 183 -4.19 0.79 -16.54
N ILE B 184 -3.94 1.16 -15.29
CA ILE B 184 -4.96 1.26 -14.26
C ILE B 184 -5.19 2.71 -13.84
N GLN B 185 -4.64 3.67 -14.58
CA GLN B 185 -4.67 5.06 -14.17
C GLN B 185 -6.09 5.60 -14.06
N ASN B 186 -6.95 5.29 -15.03
CA ASN B 186 -8.31 5.81 -14.98
C ASN B 186 -9.23 4.97 -14.11
N TRP B 187 -8.72 3.90 -13.50
CA TRP B 187 -9.52 2.98 -12.69
C TRP B 187 -9.06 2.97 -11.24
N LEU B 188 -7.79 2.70 -10.98
CA LEU B 188 -7.24 2.67 -9.63
C LEU B 188 -6.36 3.87 -9.33
N SER B 189 -6.17 4.78 -10.30
CA SER B 189 -5.41 6.03 -10.21
C SER B 189 -3.95 5.88 -10.58
N ALA B 190 -3.35 6.97 -11.09
CA ALA B 190 -1.93 6.97 -11.41
C ALA B 190 -1.07 6.86 -10.17
N LYS B 191 -1.56 7.37 -9.04
CA LYS B 191 -0.80 7.30 -7.80
C LYS B 191 -0.67 5.85 -7.33
N VAL B 192 -1.74 5.07 -7.41
CA VAL B 192 -1.64 3.66 -7.06
C VAL B 192 -0.67 2.94 -8.00
N ARG B 193 -0.76 3.25 -9.31
CA ARG B 193 0.11 2.59 -10.27
C ARG B 193 1.58 2.85 -9.96
N LYS B 194 1.91 4.09 -9.55
CA LYS B 194 3.29 4.38 -9.17
C LYS B 194 3.68 3.60 -7.92
N GLN B 195 2.77 3.47 -6.96
CA GLN B 195 3.08 2.76 -5.72
C GLN B 195 3.34 1.28 -5.98
N LEU B 196 2.48 0.64 -6.77
CA LEU B 196 2.64 -0.79 -7.04
C LEU B 196 3.94 -1.05 -7.80
N ARG B 197 4.32 -0.14 -8.70
CA ARG B 197 5.55 -0.36 -9.47
C ARG B 197 6.80 -0.22 -8.62
N LEU B 198 6.71 0.40 -7.44
CA LEU B 198 7.82 0.39 -6.48
C LEU B 198 8.01 -0.98 -5.84
N LYS B 199 7.00 -1.84 -5.88
CA LYS B 199 7.11 -3.18 -5.32
C LYS B 199 7.97 -4.05 -6.24
N PRO B 200 8.55 -5.12 -5.69
CA PRO B 200 9.41 -5.97 -6.52
C PRO B 200 8.62 -6.75 -7.56
N PHE B 201 9.34 -7.27 -8.53
CA PHE B 201 8.80 -8.21 -9.50
C PHE B 201 9.43 -9.58 -9.29
N TYR B 202 8.88 -10.58 -9.99
CA TYR B 202 9.31 -11.95 -9.79
C TYR B 202 9.54 -12.62 -11.14
N LEU B 203 10.38 -13.65 -11.12
CA LEU B 203 10.73 -14.41 -12.31
C LEU B 203 10.55 -15.89 -12.01
N VAL B 204 9.76 -16.57 -12.83
CA VAL B 204 9.50 -17.99 -12.64
C VAL B 204 10.17 -18.76 -13.76
N PRO B 205 10.70 -19.96 -13.51
CA PRO B 205 11.38 -20.71 -14.59
C PRO B 205 10.35 -21.25 -15.57
N LYS B 206 10.41 -20.77 -16.81
CA LYS B 206 9.45 -21.17 -17.83
C LYS B 206 10.15 -21.21 -19.17
N HIS B 207 10.18 -22.39 -19.79
CA HIS B 207 10.77 -22.55 -21.12
C HIS B 207 9.97 -21.75 -22.14
N ALA B 208 10.64 -21.35 -23.22
CA ALA B 208 10.04 -20.55 -24.26
C ALA B 208 10.22 -21.21 -25.61
N LYS B 209 9.23 -21.01 -26.49
CA LYS B 209 9.26 -21.60 -27.84
C LYS B 209 10.16 -20.79 -28.77
N GLY B 213 12.86 -28.45 -28.30
CA GLY B 213 12.89 -27.30 -29.18
C GLY B 213 12.53 -26.00 -28.47
N PHE B 214 12.92 -25.91 -27.21
CA PHE B 214 12.63 -24.75 -26.39
C PHE B 214 13.91 -24.27 -25.71
N GLN B 215 14.00 -22.95 -25.53
CA GLN B 215 15.06 -22.36 -24.72
C GLN B 215 14.80 -22.75 -23.27
N GLU B 216 15.57 -23.71 -22.77
CA GLU B 216 15.26 -24.35 -21.49
C GLU B 216 15.86 -23.65 -20.29
N GLU B 217 16.36 -22.43 -20.45
CA GLU B 217 17.00 -21.71 -19.34
C GLU B 217 16.50 -20.28 -19.25
N THR B 218 15.22 -20.05 -19.57
CA THR B 218 14.62 -18.73 -19.51
C THR B 218 13.68 -18.61 -18.32
N TRP B 219 13.42 -17.37 -17.91
CA TRP B 219 12.51 -17.06 -16.83
C TRP B 219 11.46 -16.07 -17.33
N ARG B 220 10.20 -16.29 -16.94
CA ARG B 220 9.12 -15.39 -17.31
C ARG B 220 8.80 -14.43 -16.17
N LEU B 221 8.49 -13.19 -16.53
CA LEU B 221 8.08 -12.20 -15.55
C LEU B 221 6.81 -12.63 -14.84
N SER B 222 6.71 -12.29 -13.55
CA SER B 222 5.59 -12.70 -12.73
C SER B 222 5.20 -11.57 -11.80
N PHE B 223 3.90 -11.26 -11.77
CA PHE B 223 3.33 -10.20 -10.94
C PHE B 223 2.13 -10.73 -10.17
N SER B 224 2.19 -11.98 -9.72
CA SER B 224 1.08 -12.56 -8.99
C SER B 224 0.74 -11.76 -7.74
N HIS B 225 1.75 -11.14 -7.13
CA HIS B 225 1.49 -10.30 -5.95
C HIS B 225 0.68 -9.07 -6.30
N ILE B 226 1.03 -8.41 -7.40
CA ILE B 226 0.24 -7.26 -7.85
C ILE B 226 -1.17 -7.69 -8.21
N GLU B 227 -1.31 -8.83 -8.89
CA GLU B 227 -2.64 -9.31 -9.28
C GLU B 227 -3.52 -9.54 -8.06
N LYS B 228 -2.94 -10.06 -6.97
CA LYS B 228 -3.70 -10.21 -5.73
C LYS B 228 -4.17 -8.87 -5.21
N GLU B 229 -3.28 -7.87 -5.16
CA GLU B 229 -3.66 -6.57 -4.62
C GLU B 229 -4.77 -5.94 -5.46
N ILE B 230 -4.69 -6.08 -6.79
CA ILE B 230 -5.68 -5.50 -7.68
C ILE B 230 -7.06 -6.14 -7.46
N LEU B 231 -7.10 -7.44 -7.23
CA LEU B 231 -8.38 -8.13 -7.07
C LEU B 231 -9.03 -7.81 -5.73
N ASN B 232 -8.24 -7.79 -4.66
CA ASN B 232 -8.77 -7.61 -3.32
C ASN B 232 -8.85 -6.15 -2.91
N ASN B 233 -8.59 -5.22 -3.84
CA ASN B 233 -8.76 -3.79 -3.62
C ASN B 233 -9.04 -3.21 -5.01
N HIS B 234 -10.28 -3.40 -5.46
CA HIS B 234 -10.60 -3.40 -6.88
C HIS B 234 -11.47 -2.25 -7.36
N GLY B 235 -11.97 -1.40 -6.45
CA GLY B 235 -12.87 -0.34 -6.87
C GLY B 235 -12.18 0.99 -7.14
N LYS B 236 -12.88 1.86 -7.86
CA LYS B 236 -12.42 3.25 -7.93
C LYS B 236 -12.59 3.94 -6.59
N SER B 237 -13.70 3.68 -5.92
CA SER B 237 -13.91 4.15 -4.56
C SER B 237 -13.18 3.24 -3.58
N LYS B 238 -12.47 3.85 -2.62
CA LYS B 238 -11.77 3.06 -1.62
C LYS B 238 -12.73 2.23 -0.76
N THR B 239 -14.02 2.60 -0.71
CA THR B 239 -14.99 1.88 0.08
C THR B 239 -15.83 0.91 -0.74
N CYS B 240 -15.41 0.62 -1.97
CA CYS B 240 -16.14 -0.34 -2.79
C CYS B 240 -16.30 -1.66 -2.05
N CYS B 241 -17.54 -2.17 -2.05
CA CYS B 241 -17.90 -3.42 -1.37
C CYS B 241 -17.64 -3.36 0.14
N GLU B 242 -17.63 -2.16 0.71
CA GLU B 242 -17.55 -2.00 2.15
C GLU B 242 -18.86 -1.55 2.76
N ASN B 243 -19.86 -1.24 1.93
CA ASN B 243 -21.20 -0.90 2.39
C ASN B 243 -22.18 -1.36 1.32
N LYS B 244 -23.47 -1.40 1.69
CA LYS B 244 -24.48 -1.89 0.77
C LYS B 244 -24.65 -0.98 -0.44
N GLU B 245 -24.38 0.32 -0.28
CA GLU B 245 -24.57 1.25 -1.40
C GLU B 245 -23.47 1.14 -2.45
N GLU B 246 -22.29 0.62 -2.09
CA GLU B 246 -21.20 0.47 -3.03
C GLU B 246 -20.75 -0.98 -3.17
N LYS B 247 -21.70 -1.91 -3.31
CA LYS B 247 -21.39 -3.32 -3.46
C LYS B 247 -21.37 -3.66 -4.95
N CYS B 248 -20.19 -4.00 -5.47
CA CYS B 248 -20.01 -4.30 -6.88
C CYS B 248 -19.92 -5.80 -7.11
N CYS B 249 -19.94 -6.19 -8.39
CA CYS B 249 -19.93 -7.59 -8.79
C CYS B 249 -18.67 -7.93 -9.58
N ARG B 250 -17.57 -7.22 -9.32
CA ARG B 250 -16.32 -7.50 -10.01
C ARG B 250 -15.80 -8.89 -9.67
N LYS B 251 -15.76 -9.23 -8.38
CA LYS B 251 -15.21 -10.52 -7.98
C LYS B 251 -16.06 -11.67 -8.47
N ASP B 252 -17.39 -11.52 -8.43
CA ASP B 252 -18.27 -12.58 -8.88
C ASP B 252 -18.12 -12.83 -10.38
N CYS B 253 -17.93 -11.77 -11.17
CA CYS B 253 -17.73 -11.94 -12.59
C CYS B 253 -16.47 -12.77 -12.88
N LEU B 254 -15.38 -12.48 -12.17
CA LEU B 254 -14.17 -13.27 -12.35
C LEU B 254 -14.39 -14.71 -11.88
N LYS B 255 -15.10 -14.89 -10.77
CA LYS B 255 -15.37 -16.24 -10.28
C LYS B 255 -16.14 -17.05 -11.32
N LEU B 256 -17.19 -16.45 -11.90
CA LEU B 256 -17.98 -17.16 -12.89
C LEU B 256 -17.18 -17.45 -14.15
N MET B 257 -16.34 -16.51 -14.58
CA MET B 257 -15.49 -16.74 -15.74
C MET B 257 -14.53 -17.92 -15.50
N LYS B 258 -13.99 -18.02 -14.29
CA LYS B 258 -13.11 -19.13 -13.97
C LYS B 258 -13.88 -20.45 -13.90
N TYR B 259 -15.07 -20.42 -13.31
CA TYR B 259 -15.87 -21.65 -13.20
C TYR B 259 -16.28 -22.15 -14.57
N LEU B 260 -16.63 -21.24 -15.48
CA LEU B 260 -17.03 -21.64 -16.83
C LEU B 260 -15.91 -22.40 -17.51
N LEU B 261 -14.69 -21.84 -17.50
CA LEU B 261 -13.56 -22.50 -18.15
C LEU B 261 -13.26 -23.84 -17.51
N GLU B 262 -13.26 -23.90 -16.18
CA GLU B 262 -12.95 -25.15 -15.50
C GLU B 262 -13.97 -26.25 -15.85
N GLN B 263 -15.26 -25.90 -15.86
CA GLN B 263 -16.28 -26.88 -16.22
C GLN B 263 -16.07 -27.40 -17.64
N LEU B 264 -15.81 -26.50 -18.59
CA LEU B 264 -15.60 -26.91 -19.97
C LEU B 264 -14.31 -27.70 -20.12
N LYS B 265 -13.25 -27.25 -19.43
CA LYS B 265 -11.98 -27.97 -19.47
C LYS B 265 -12.13 -29.39 -18.94
N GLU B 266 -12.97 -29.57 -17.93
CA GLU B 266 -13.19 -30.91 -17.42
C GLU B 266 -14.19 -31.70 -18.28
N ARG B 267 -15.15 -31.00 -18.90
CA ARG B 267 -16.12 -31.69 -19.76
C ARG B 267 -15.43 -32.28 -20.99
N PHE B 268 -14.54 -31.52 -21.61
CA PHE B 268 -13.76 -31.98 -22.76
C PHE B 268 -12.34 -32.33 -22.34
N LYS B 269 -12.26 -33.07 -21.23
CA LYS B 269 -10.98 -33.33 -20.58
C LYS B 269 -10.01 -34.06 -21.50
N ASP B 270 -10.52 -35.04 -22.26
CA ASP B 270 -9.67 -35.90 -23.08
C ASP B 270 -9.83 -35.60 -24.57
N LYS B 271 -10.21 -34.39 -24.91
CA LYS B 271 -10.10 -33.91 -26.29
C LYS B 271 -8.84 -33.08 -26.51
N LYS B 272 -8.13 -32.74 -25.43
CA LYS B 272 -6.85 -32.02 -25.49
C LYS B 272 -7.01 -30.61 -26.04
N HIS B 273 -8.22 -30.23 -26.45
CA HIS B 273 -8.43 -28.93 -27.08
C HIS B 273 -8.28 -27.80 -26.07
N LEU B 274 -8.85 -27.96 -24.88
CA LEU B 274 -8.84 -26.92 -23.85
C LEU B 274 -7.71 -27.10 -22.85
N ASP B 275 -6.67 -27.85 -23.21
CA ASP B 275 -5.58 -28.09 -22.27
C ASP B 275 -4.78 -26.82 -22.00
N LYS B 276 -4.42 -26.09 -23.06
CA LYS B 276 -3.54 -24.94 -22.92
C LYS B 276 -4.23 -23.71 -22.32
N PHE B 277 -5.56 -23.72 -22.17
CA PHE B 277 -6.25 -22.62 -21.53
C PHE B 277 -6.24 -22.78 -20.02
N SER B 278 -6.06 -21.66 -19.31
CA SER B 278 -5.91 -21.68 -17.86
C SER B 278 -6.64 -20.49 -17.27
N SER B 279 -6.74 -20.49 -15.93
CA SER B 279 -7.43 -19.40 -15.25
C SER B 279 -6.70 -18.07 -15.41
N TYR B 280 -5.39 -18.10 -15.68
CA TYR B 280 -4.68 -16.85 -15.93
C TYR B 280 -5.15 -16.18 -17.21
N HIS B 281 -5.50 -16.95 -18.23
CA HIS B 281 -6.08 -16.34 -19.43
C HIS B 281 -7.37 -15.62 -19.09
N VAL B 282 -8.25 -16.30 -18.35
CA VAL B 282 -9.52 -15.69 -17.93
C VAL B 282 -9.28 -14.50 -17.03
N LYS B 283 -8.31 -14.62 -16.12
CA LYS B 283 -8.00 -13.50 -15.22
C LYS B 283 -7.42 -12.32 -15.98
N THR B 284 -6.62 -12.58 -17.01
CA THR B 284 -6.07 -11.50 -17.82
C THR B 284 -7.17 -10.74 -18.55
N ALA B 285 -8.07 -11.47 -19.22
CA ALA B 285 -9.19 -10.82 -19.88
C ALA B 285 -10.00 -9.99 -18.90
N PHE B 286 -10.23 -10.51 -17.69
CA PHE B 286 -11.03 -9.79 -16.71
C PHE B 286 -10.37 -8.45 -16.35
N PHE B 287 -9.04 -8.43 -16.23
CA PHE B 287 -8.35 -7.18 -15.92
C PHE B 287 -8.56 -6.14 -17.02
N HIS B 288 -8.48 -6.58 -18.27
CA HIS B 288 -8.67 -5.65 -19.39
C HIS B 288 -10.09 -5.07 -19.38
N VAL B 289 -11.08 -5.89 -19.04
CA VAL B 289 -12.45 -5.39 -18.91
C VAL B 289 -12.53 -4.36 -17.79
N CYS B 290 -11.77 -4.57 -16.72
CA CYS B 290 -11.73 -3.59 -15.64
C CYS B 290 -11.17 -2.25 -16.13
N THR B 291 -10.20 -2.29 -17.04
CA THR B 291 -9.68 -1.05 -17.60
C THR B 291 -10.72 -0.36 -18.48
N GLN B 292 -11.46 -1.15 -19.28
CA GLN B 292 -12.47 -0.57 -20.16
C GLN B 292 -13.69 -0.06 -19.41
N ASN B 293 -13.96 -0.57 -18.20
CA ASN B 293 -15.09 -0.15 -17.38
C ASN B 293 -14.56 0.28 -16.03
N PRO B 294 -14.00 1.49 -15.93
CA PRO B 294 -13.32 1.90 -14.70
C PRO B 294 -14.23 2.39 -13.59
N GLN B 295 -15.48 2.72 -13.88
CA GLN B 295 -16.38 3.25 -12.86
C GLN B 295 -17.08 2.13 -12.11
N ASP B 296 -17.21 2.31 -10.79
CA ASP B 296 -17.90 1.30 -9.99
C ASP B 296 -19.36 1.16 -10.39
N SER B 297 -19.96 2.23 -10.92
CA SER B 297 -21.36 2.17 -11.33
C SER B 297 -21.58 1.21 -12.50
N GLN B 298 -20.52 0.91 -13.26
CA GLN B 298 -20.58 -0.07 -14.34
C GLN B 298 -20.51 -1.51 -13.83
N TRP B 299 -20.37 -1.72 -12.52
CA TRP B 299 -20.27 -3.05 -11.93
C TRP B 299 -21.27 -3.25 -10.81
N ASP B 300 -22.42 -2.59 -10.89
CA ASP B 300 -23.42 -2.69 -9.83
C ASP B 300 -23.95 -4.12 -9.72
N ARG B 301 -24.12 -4.57 -8.47
CA ARG B 301 -24.46 -5.96 -8.23
C ARG B 301 -25.78 -6.37 -8.87
N LYS B 302 -26.73 -5.45 -9.01
CA LYS B 302 -27.98 -5.76 -9.69
C LYS B 302 -27.80 -5.96 -11.18
N ASP B 303 -26.62 -5.66 -11.72
CA ASP B 303 -26.30 -5.86 -13.13
C ASP B 303 -25.36 -7.04 -13.34
N LEU B 304 -25.40 -8.03 -12.44
CA LEU B 304 -24.48 -9.16 -12.52
C LEU B 304 -24.63 -9.91 -13.84
N GLY B 305 -25.86 -10.12 -14.28
CA GLY B 305 -26.07 -10.85 -15.53
C GLY B 305 -25.51 -10.11 -16.72
N LEU B 306 -25.74 -8.80 -16.79
CA LEU B 306 -25.19 -7.99 -17.88
C LEU B 306 -23.67 -7.94 -17.81
N CYS B 307 -23.14 -7.57 -16.64
CA CYS B 307 -21.69 -7.52 -16.44
C CYS B 307 -21.03 -8.83 -16.86
N PHE B 308 -21.58 -9.97 -16.42
CA PHE B 308 -21.00 -11.25 -16.78
C PHE B 308 -21.07 -11.48 -18.29
N ASP B 309 -22.20 -11.12 -18.91
CA ASP B 309 -22.34 -11.28 -20.35
C ASP B 309 -21.29 -10.47 -21.09
N ASN B 310 -20.95 -9.28 -20.58
CA ASN B 310 -19.92 -8.47 -21.22
C ASN B 310 -18.54 -9.09 -21.03
N CYS B 311 -18.29 -9.68 -19.86
CA CYS B 311 -17.03 -10.38 -19.63
C CYS B 311 -16.89 -11.58 -20.55
N VAL B 312 -17.97 -12.35 -20.71
CA VAL B 312 -17.94 -13.52 -21.59
C VAL B 312 -17.71 -13.07 -23.02
N THR B 313 -18.44 -12.04 -23.45
CA THR B 313 -18.31 -11.51 -24.79
C THR B 313 -16.88 -11.04 -25.07
N TYR B 314 -16.28 -10.32 -24.11
CA TYR B 314 -14.91 -9.82 -24.33
C TYR B 314 -13.92 -10.97 -24.45
N PHE B 315 -14.03 -11.96 -23.57
CA PHE B 315 -13.16 -13.12 -23.68
C PHE B 315 -13.33 -13.80 -25.03
N LEU B 316 -14.57 -13.86 -25.52
CA LEU B 316 -14.81 -14.43 -26.85
C LEU B 316 -14.16 -13.59 -27.93
N GLN B 317 -14.14 -12.26 -27.74
CA GLN B 317 -13.46 -11.39 -28.68
C GLN B 317 -11.98 -11.72 -28.74
N CYS B 318 -11.34 -11.85 -27.58
CA CYS B 318 -9.93 -12.22 -27.54
C CYS B 318 -9.69 -13.55 -28.24
N LEU B 319 -10.60 -14.52 -28.08
CA LEU B 319 -10.48 -15.79 -28.78
C LEU B 319 -10.52 -15.60 -30.29
N ARG B 320 -11.57 -14.96 -30.80
CA ARG B 320 -11.68 -14.77 -32.25
C ARG B 320 -10.54 -13.90 -32.77
N THR B 321 -10.12 -12.91 -31.99
CA THR B 321 -9.07 -11.99 -32.40
C THR B 321 -7.68 -12.62 -32.28
N GLU B 322 -7.54 -13.67 -31.47
CA GLU B 322 -6.23 -14.25 -31.14
C GLU B 322 -5.30 -13.21 -30.52
N LYS B 323 -5.89 -12.23 -29.83
CA LYS B 323 -5.15 -11.21 -29.11
C LYS B 323 -5.64 -11.16 -27.68
N LEU B 324 -4.74 -11.47 -26.74
CA LEU B 324 -4.98 -11.28 -25.31
C LEU B 324 -3.62 -10.87 -24.74
N GLU B 325 -3.39 -9.56 -24.67
CA GLU B 325 -2.12 -9.05 -24.17
C GLU B 325 -1.99 -9.32 -22.68
N ASN B 326 -0.78 -9.67 -22.27
CA ASN B 326 -0.47 -9.74 -20.85
C ASN B 326 -0.73 -8.38 -20.21
N TYR B 327 -1.44 -8.38 -19.08
CA TYR B 327 -1.84 -7.12 -18.47
C TYR B 327 -0.64 -6.26 -18.07
N PHE B 328 0.51 -6.86 -17.79
CA PHE B 328 1.71 -6.13 -17.41
C PHE B 328 2.71 -6.01 -18.55
N ILE B 329 2.73 -6.96 -19.48
CA ILE B 329 3.64 -6.92 -20.63
C ILE B 329 2.82 -6.82 -21.92
N PRO B 330 2.46 -5.60 -22.35
CA PRO B 330 1.47 -5.47 -23.44
C PRO B 330 1.90 -6.07 -24.77
N GLU B 331 3.20 -6.21 -25.03
CA GLU B 331 3.62 -6.81 -26.30
C GLU B 331 3.67 -8.33 -26.25
N PHE B 332 3.39 -8.93 -25.10
CA PHE B 332 3.35 -10.38 -24.94
C PHE B 332 1.91 -10.84 -25.15
N ASN B 333 1.63 -11.45 -26.29
CA ASN B 333 0.29 -11.91 -26.62
C ASN B 333 0.10 -13.32 -26.10
N LEU B 334 -0.83 -13.49 -25.15
CA LEU B 334 -1.07 -14.81 -24.59
C LEU B 334 -1.82 -15.72 -25.56
N PHE B 335 -2.49 -15.16 -26.59
CA PHE B 335 -3.30 -15.92 -27.51
C PHE B 335 -2.75 -15.93 -28.93
N SER B 336 -1.45 -15.68 -29.10
CA SER B 336 -0.85 -15.79 -30.41
C SER B 336 -0.87 -17.25 -30.89
N SER B 337 -0.85 -17.42 -32.22
CA SER B 337 -0.86 -18.77 -32.78
C SER B 337 0.40 -19.55 -32.41
N ASN B 338 1.51 -18.87 -32.12
CA ASN B 338 2.73 -19.56 -31.71
C ASN B 338 2.59 -20.19 -30.33
N LEU B 339 1.59 -19.78 -29.55
CA LEU B 339 1.35 -20.35 -28.23
C LEU B 339 0.15 -21.29 -28.20
N ILE B 340 -0.94 -20.94 -28.86
CA ILE B 340 -2.18 -21.71 -28.80
C ILE B 340 -2.73 -21.87 -30.21
N ASP B 341 -3.04 -23.11 -30.58
CA ASP B 341 -3.56 -23.41 -31.91
C ASP B 341 -4.86 -22.66 -32.16
N LYS B 342 -5.05 -22.24 -33.42
CA LYS B 342 -6.30 -21.59 -33.81
C LYS B 342 -7.48 -22.55 -33.65
N ARG B 343 -7.27 -23.85 -33.92
CA ARG B 343 -8.35 -24.82 -33.76
C ARG B 343 -8.81 -24.90 -32.31
N SER B 344 -7.88 -24.86 -31.36
CA SER B 344 -8.26 -24.89 -29.96
C SER B 344 -9.08 -23.66 -29.58
N LYS B 345 -8.71 -22.49 -30.11
CA LYS B 345 -9.49 -21.29 -29.84
C LYS B 345 -10.89 -21.40 -30.44
N GLU B 346 -10.99 -21.88 -31.69
CA GLU B 346 -12.29 -22.07 -32.32
C GLU B 346 -13.16 -23.03 -31.52
N PHE B 347 -12.54 -24.06 -30.92
CA PHE B 347 -13.30 -25.01 -30.13
C PHE B 347 -13.79 -24.38 -28.84
N LEU B 348 -12.93 -23.59 -28.17
CA LEU B 348 -13.36 -22.88 -26.97
C LEU B 348 -14.47 -21.89 -27.30
N THR B 349 -14.36 -21.22 -28.45
CA THR B 349 -15.38 -20.27 -28.87
C THR B 349 -16.73 -20.96 -29.02
N LYS B 350 -16.77 -22.05 -29.79
CA LYS B 350 -18.04 -22.75 -30.01
C LYS B 350 -18.66 -23.20 -28.70
N GLN B 351 -17.83 -23.72 -27.78
CA GLN B 351 -18.37 -24.20 -26.51
C GLN B 351 -18.95 -23.05 -25.69
N ILE B 352 -18.21 -21.94 -25.58
CA ILE B 352 -18.69 -20.82 -24.78
C ILE B 352 -19.95 -20.22 -25.40
N GLU B 353 -19.97 -20.07 -26.71
CA GLU B 353 -21.15 -19.47 -27.36
C GLU B 353 -22.38 -20.36 -27.21
N TYR B 354 -22.22 -21.68 -27.27
CA TYR B 354 -23.34 -22.57 -26.98
C TYR B 354 -23.85 -22.34 -25.56
N GLU B 355 -22.93 -22.32 -24.59
CA GLU B 355 -23.32 -22.10 -23.20
C GLU B 355 -24.10 -20.80 -23.03
N ARG B 356 -23.49 -19.68 -23.44
CA ARG B 356 -24.13 -18.38 -23.27
C ARG B 356 -25.49 -18.33 -23.96
N ASN B 357 -25.64 -19.00 -25.11
CA ASN B 357 -26.92 -18.99 -25.81
C ASN B 357 -27.98 -19.79 -25.07
N ASN B 358 -27.58 -20.79 -24.27
CA ASN B 358 -28.52 -21.69 -23.62
C ASN B 358 -28.47 -21.56 -22.10
N GLU B 359 -28.17 -20.36 -21.60
CA GLU B 359 -28.21 -20.05 -20.16
C GLU B 359 -27.23 -20.88 -19.34
N PHE B 360 -26.09 -21.22 -19.94
CA PHE B 360 -24.99 -21.90 -19.27
C PHE B 360 -25.41 -23.21 -18.61
N PRO B 361 -25.72 -24.25 -19.38
CA PRO B 361 -26.03 -25.54 -18.76
C PRO B 361 -24.82 -26.22 -18.11
N VAL B 362 -23.60 -25.89 -18.55
CA VAL B 362 -22.42 -26.52 -17.97
C VAL B 362 -22.25 -26.15 -16.50
N PHE B 363 -22.92 -25.09 -16.03
CA PHE B 363 -22.89 -24.77 -14.61
C PHE B 363 -23.61 -25.83 -13.77
N ASP B 364 -24.52 -26.59 -14.39
CA ASP B 364 -25.17 -27.71 -13.71
C ASP B 364 -24.44 -29.01 -14.03
ZN ZN C . -8.92 15.71 -4.08
C4 EQL D . 2.14 17.41 17.25
C14 EQL D . 1.49 21.69 19.95
C5 EQL D . 1.59 18.15 18.32
C6 EQL D . 1.90 19.53 18.48
C11 EQL D . 1.80 16.00 17.09
C7 EQL D . 0.72 17.50 19.22
C8 EQL D . 0.17 18.19 20.28
C9 EQL D . 0.47 19.55 20.47
C10 EQL D . 1.30 20.23 19.60
C12 EQL D . 0.41 16.08 19.05
C13 EQL D . 3.27 21.57 17.52
N1 EQL D . 0.95 15.39 17.99
C3 EQL D . 2.98 18.02 16.35
C1 EQL D . 2.80 20.13 17.52
C2 EQL D . 3.30 19.37 16.49
O1 EQL D . 2.25 15.34 16.17
O2 EQL D . -0.33 15.49 19.82
O3 EQL D . 3.89 21.98 18.52
O4 EQL D . 1.18 22.53 19.10
O5 EQL D . 3.05 22.24 16.49
O6 EQL D . 1.94 21.95 21.09
ZN ZN E . -16.40 -3.94 -5.06
C4 EQL F . 1.26 -16.68 -18.04
C14 EQL F . -0.71 -20.94 -16.11
C5 EQL F . 0.84 -17.48 -16.97
C6 EQL F . 0.29 -18.78 -17.21
C11 EQL F . 1.82 -15.34 -17.77
C7 EQL F . 0.95 -17.00 -15.64
C8 EQL F . 0.56 -17.77 -14.58
C9 EQL F . 0.01 -19.04 -14.80
C10 EQL F . -0.12 -19.56 -16.07
C12 EQL F . 1.51 -15.66 -15.41
C13 EQL F . -0.37 -20.54 -19.06
N1 EQL F . 1.93 -14.90 -16.48
C3 EQL F . 1.14 -17.12 -19.34
C1 EQL F . 0.18 -19.21 -18.58
C2 EQL F . 0.62 -18.39 -19.60
O1 EQL F . 2.22 -14.64 -18.68
O2 EQL F . 1.62 -15.21 -14.28
O3 EQL F . -1.57 -20.76 -18.84
O4 EQL F . -0.03 -21.85 -16.64
O5 EQL F . 0.41 -21.31 -19.63
O6 EQL F . -1.84 -21.10 -15.62
#